data_1TQW
#
_entry.id   1TQW
#
_cell.length_a   69.007
_cell.length_b   110.044
_cell.length_c   138.946
_cell.angle_alpha   90.00
_cell.angle_beta   90.00
_cell.angle_gamma   90.00
#
_symmetry.space_group_name_H-M   'P 21 21 21'
#
loop_
_entity.id
_entity.type
_entity.pdbx_description
1 polymer 'Alpha-mannosidase II'
2 non-polymer 2-acetamido-2-deoxy-beta-D-glucopyranose
3 non-polymer 'ZINC ION'
4 non-polymer '1,4-DIDEOXY-1,4-[[2R,3R)-2,4-DIHYDROXY-3-(SULFOXY)BUTYL]EPISELENONIUMYLIDENE]-D-ARABINITOL INNER SALT'
5 non-polymer (4R)-2-METHYLPENTANE-2,4-DIOL
6 water water
#
_entity_poly.entity_id   1
_entity_poly.type   'polypeptide(L)'
_entity_poly.pdbx_seq_one_letter_code
;RSSHHHHHHGEFDDPIRPPLKVARSPRPGQCQDVVQDVPNVDVQMLELYDRMSFKDIDGGVWKQGWNIKYDPLKYNAHHK
LKVFVVPHSHNDPGWIQTFEEYYQHDTKHILSNALRHLHDNPEMKFIWAEISYFARFYHDLGENKKLQMKSIVKNGQLEF
VTGGWVMPDEANSHWRNVLLQLTEGQTWLKQFMNVTPTASWAIDPFGHSPTMPYILQKSGFKNMLIQRTHYSVKKELAQQ
RQLEFLWRQIWDNKGDTALFTHMMPFYSYDIPHTCGPDPKVCCQFDFKRMGSFGLSCPWKVPPRTISDQNVAARSDLLVD
QWKKKAELYRTNVLLIPLGDDFRFKQNTEWDVQRVNYERLFEHINSQAHFNVQAQFGTLQEYFDAVHQAERAGQAEFPTL
SGDFFTYADRSDNYWSGYYTSRPYHKRMDRVLMHYVRAAEMLSAWHSWDGMARIEERLEQARRELSLFQHHDGITGTAKT
HVVVDYEQRMQEALKACQMVMQQSVYRLLTKPSIYSPDFSFSYFTLDDSRWPGSGVEDSRTTIILGEDILPSKHVVMHNT
LPHWREQLVDFYVSSPFVSVTDLANNPVEAQVSPVWSWHHDTLTKTIHPQGSTTKYRIIFKARVPPMGLATYVLTISDSK
PEHTSYASNLLLRKNPTSLPLGQYPEDVKFGDPREISLRVGNGPTLAFSEQGLLKSIQLTQDSPHVPVHFKFLKYGVRSH
GDRSGAYLFLPNGPASPVELGQPVVLVTKGKLESSVSVGLPSVVHQTIMRGGAPEIRNLVDIGSLDNTEIVMRLETHIDS
GDIFYTDLNGLQFIKRRRLDKLPLQANYYPIPSGMFIEDANTRLTLLTGQPLGGSSLASGELEIMQDRRLASDDERGLGQ
GVLDNKPVLHIYRLVLEKVNNCVRPSKLHPAGYLTSAAHKASQSLLDPLDKFIFAENEWIGAQGQFGGDHPSAREDLDVS
VMRRLTKSSAKTQRVGYVLHRTNLMQCGTPEEHTQKLDVCHLLPNVARCERTTLTFLQNLEHLDGMVAPEVCPMETAAYV
SSHSS
;
_entity_poly.pdbx_strand_id   A
#
loop_
_chem_comp.id
_chem_comp.type
_chem_comp.name
_chem_comp.formula
BLT non-polymer '1,4-DIDEOXY-1,4-[[2R,3R)-2,4-DIHYDROXY-3-(SULFOXY)BUTYL]EPISELENONIUMYLIDENE]-D-ARABINITOL INNER SALT' 'C9 H18 O9 S Se -2'
MRD non-polymer (4R)-2-METHYLPENTANE-2,4-DIOL 'C6 H14 O2'
NAG D-saccharide, beta linking 2-acetamido-2-deoxy-beta-D-glucopyranose 'C8 H15 N O6'
ZN non-polymer 'ZINC ION' 'Zn 2'
#
# COMPACT_ATOMS: atom_id res chain seq x y z
N CYS A 31 -12.52 -25.10 -7.03
CA CYS A 31 -11.99 -23.71 -7.17
C CYS A 31 -12.44 -23.12 -8.48
N GLN A 32 -12.83 -21.84 -8.45
CA GLN A 32 -13.20 -21.11 -9.68
C GLN A 32 -11.95 -20.93 -10.53
N ASP A 33 -12.13 -20.94 -11.84
CA ASP A 33 -11.05 -20.71 -12.79
C ASP A 33 -10.97 -19.18 -12.95
N VAL A 34 -9.85 -18.58 -12.58
CA VAL A 34 -9.71 -17.13 -12.64
C VAL A 34 -9.11 -16.63 -13.93
N VAL A 35 -8.81 -17.54 -14.85
CA VAL A 35 -8.21 -17.21 -16.13
C VAL A 35 -9.10 -17.29 -17.38
N GLN A 36 -9.85 -18.39 -17.45
CA GLN A 36 -10.56 -18.75 -18.68
C GLN A 36 -12.01 -18.44 -18.78
N ASP A 37 -12.62 -17.96 -17.71
CA ASP A 37 -14.04 -17.62 -17.68
C ASP A 37 -14.23 -16.08 -17.52
N VAL A 38 -14.53 -15.37 -18.61
CA VAL A 38 -14.74 -13.90 -18.49
C VAL A 38 -16.07 -13.62 -17.76
N PRO A 39 -16.05 -12.93 -16.61
CA PRO A 39 -17.31 -12.67 -15.90
C PRO A 39 -18.25 -11.82 -16.69
N ASN A 40 -19.56 -12.14 -16.54
CA ASN A 40 -20.59 -11.33 -17.16
C ASN A 40 -21.13 -10.33 -16.10
N VAL A 41 -20.77 -9.06 -16.27
CA VAL A 41 -21.22 -8.03 -15.29
C VAL A 41 -21.94 -6.94 -16.05
N ASP A 42 -22.81 -6.18 -15.37
CA ASP A 42 -23.52 -5.11 -16.00
C ASP A 42 -22.64 -3.95 -16.35
N VAL A 43 -21.66 -3.67 -15.49
CA VAL A 43 -20.72 -2.54 -15.70
C VAL A 43 -19.31 -3.08 -15.51
N GLN A 44 -18.47 -3.02 -16.53
CA GLN A 44 -17.07 -3.44 -16.45
C GLN A 44 -16.30 -2.17 -16.72
N MET A 45 -15.53 -1.68 -15.74
CA MET A 45 -14.99 -0.35 -15.86
C MET A 45 -14.05 -0.10 -17.05
N LEU A 46 -13.27 -1.10 -17.45
CA LEU A 46 -12.40 -0.90 -18.64
C LEU A 46 -13.29 -0.72 -19.91
N GLU A 47 -14.37 -1.49 -19.98
CA GLU A 47 -15.29 -1.39 -21.12
C GLU A 47 -15.98 -0.07 -21.07
N LEU A 48 -16.40 0.36 -19.89
CA LEU A 48 -17.05 1.65 -19.77
C LEU A 48 -16.14 2.78 -20.21
N TYR A 49 -14.87 2.75 -19.73
CA TYR A 49 -13.88 3.75 -20.15
C TYR A 49 -13.68 3.79 -21.68
N ASP A 50 -13.71 2.63 -22.32
CA ASP A 50 -13.51 2.61 -23.79
C ASP A 50 -14.66 3.33 -24.49
N ARG A 51 -15.88 3.21 -23.96
CA ARG A 51 -17.08 3.84 -24.56
C ARG A 51 -17.35 5.29 -24.21
N MET A 52 -17.02 5.69 -22.99
CA MET A 52 -17.27 7.04 -22.50
C MET A 52 -16.50 8.12 -23.25
N SER A 53 -17.09 9.31 -23.40
CA SER A 53 -16.39 10.40 -24.09
C SER A 53 -15.72 11.39 -23.14
N PHE A 54 -16.11 11.39 -21.86
CA PHE A 54 -15.48 12.23 -20.86
C PHE A 54 -15.56 13.73 -21.16
N LYS A 55 -16.64 14.15 -21.81
CA LYS A 55 -16.76 15.60 -22.07
C LYS A 55 -17.08 16.36 -20.80
N ASP A 56 -16.39 17.46 -20.58
CA ASP A 56 -16.53 18.28 -19.41
C ASP A 56 -17.45 19.48 -19.71
N ILE A 57 -18.74 19.23 -19.82
CA ILE A 57 -19.63 20.32 -20.14
C ILE A 57 -20.34 20.80 -18.90
N ASP A 58 -20.68 22.08 -18.90
CA ASP A 58 -21.34 22.75 -17.81
C ASP A 58 -22.77 22.21 -17.72
N GLY A 59 -23.09 21.43 -16.67
CA GLY A 59 -24.41 20.88 -16.49
C GLY A 59 -25.42 21.78 -15.76
N GLY A 60 -25.02 23.00 -15.44
CA GLY A 60 -25.90 23.91 -14.72
C GLY A 60 -25.50 23.96 -13.24
N VAL A 61 -26.47 24.07 -12.34
CA VAL A 61 -26.12 24.14 -10.93
C VAL A 61 -25.37 22.86 -10.51
N TRP A 62 -25.75 21.72 -11.04
CA TRP A 62 -24.96 20.48 -10.83
C TRP A 62 -23.96 20.63 -11.96
N LYS A 63 -22.78 21.17 -11.64
CA LYS A 63 -21.86 21.56 -12.73
C LYS A 63 -21.38 20.43 -13.59
N GLN A 64 -21.27 19.23 -13.02
CA GLN A 64 -20.79 18.08 -13.76
C GLN A 64 -21.85 17.04 -14.05
N GLY A 65 -23.12 17.45 -13.94
CA GLY A 65 -24.25 16.58 -14.21
C GLY A 65 -25.23 17.20 -15.21
N TRP A 66 -26.49 17.29 -14.80
CA TRP A 66 -27.57 17.85 -15.66
C TRP A 66 -28.62 18.31 -14.72
N ASN A 67 -29.62 19.04 -15.24
CA ASN A 67 -30.76 19.55 -14.43
C ASN A 67 -31.71 18.39 -14.18
N ILE A 68 -31.70 17.84 -12.97
CA ILE A 68 -32.49 16.69 -12.65
C ILE A 68 -33.97 17.07 -12.58
N LYS A 69 -34.79 16.19 -13.14
CA LYS A 69 -36.24 16.40 -13.12
C LYS A 69 -36.85 15.20 -12.44
N TYR A 70 -37.95 15.42 -11.71
CA TYR A 70 -38.63 14.27 -11.10
C TYR A 70 -40.15 14.49 -11.23
N ASP A 71 -40.88 13.39 -11.18
CA ASP A 71 -42.34 13.41 -11.23
C ASP A 71 -42.85 13.60 -9.80
N PRO A 72 -43.49 14.74 -9.50
CA PRO A 72 -43.96 14.91 -8.13
C PRO A 72 -44.87 13.78 -7.62
N LEU A 73 -45.54 13.13 -8.55
CA LEU A 73 -46.44 12.06 -8.18
C LEU A 73 -45.77 10.72 -7.85
N LYS A 74 -44.43 10.66 -7.95
CA LYS A 74 -43.75 9.40 -7.67
C LYS A 74 -43.92 8.94 -6.22
N TYR A 75 -43.87 9.87 -5.28
CA TYR A 75 -44.06 9.52 -3.87
C TYR A 75 -45.48 10.00 -3.47
N ASN A 76 -46.20 9.19 -2.69
CA ASN A 76 -47.59 9.48 -2.26
C ASN A 76 -47.78 8.81 -0.91
N ALA A 77 -48.98 8.86 -0.32
CA ALA A 77 -49.12 8.26 1.01
C ALA A 77 -48.75 6.78 1.13
N HIS A 78 -48.81 6.05 0.03
CA HIS A 78 -48.48 4.64 0.13
C HIS A 78 -47.06 4.32 -0.29
N HIS A 79 -46.33 5.36 -0.69
CA HIS A 79 -44.95 5.18 -1.12
C HIS A 79 -44.19 6.46 -0.81
N LYS A 80 -43.70 6.56 0.42
CA LYS A 80 -43.00 7.76 0.86
C LYS A 80 -41.49 7.67 0.64
N LEU A 81 -40.85 8.82 0.57
CA LEU A 81 -39.38 8.87 0.50
C LEU A 81 -38.88 8.88 1.94
N LYS A 82 -38.06 7.90 2.30
CA LYS A 82 -37.50 7.82 3.64
C LYS A 82 -36.12 8.44 3.55
N VAL A 83 -35.84 9.48 4.33
CA VAL A 83 -34.58 10.21 4.27
C VAL A 83 -33.81 10.05 5.56
N PHE A 84 -32.55 9.60 5.44
CA PHE A 84 -31.66 9.46 6.62
C PHE A 84 -30.58 10.50 6.54
N VAL A 85 -30.60 11.46 7.46
CA VAL A 85 -29.57 12.48 7.58
C VAL A 85 -28.54 11.92 8.58
N VAL A 86 -27.31 11.76 8.08
CA VAL A 86 -26.28 11.03 8.86
C VAL A 86 -25.16 12.00 9.23
N PRO A 87 -25.16 12.46 10.48
CA PRO A 87 -24.11 13.42 10.91
C PRO A 87 -22.74 12.73 10.99
N HIS A 88 -21.72 13.45 10.57
CA HIS A 88 -20.33 12.85 10.53
C HIS A 88 -19.33 13.94 10.63
N SER A 89 -18.08 13.52 10.91
CA SER A 89 -16.97 14.46 11.08
C SER A 89 -15.71 13.78 10.51
N HIS A 90 -15.15 14.34 9.44
CA HIS A 90 -13.97 13.70 8.82
C HIS A 90 -12.71 14.13 9.60
N ASN A 91 -12.09 13.17 10.27
CA ASN A 91 -10.95 13.46 11.14
C ASN A 91 -9.67 12.80 10.61
N ASP A 92 -8.92 13.56 9.83
CA ASP A 92 -7.66 13.05 9.26
C ASP A 92 -6.61 12.80 10.33
N PRO A 93 -6.06 11.57 10.43
CA PRO A 93 -5.00 11.25 11.43
C PRO A 93 -3.65 11.79 10.91
N GLY A 94 -3.54 13.12 10.88
CA GLY A 94 -2.42 13.84 10.30
C GLY A 94 -2.77 14.31 8.88
N TRP A 95 -2.43 15.58 8.60
CA TRP A 95 -2.57 16.16 7.24
C TRP A 95 -1.88 17.53 7.29
N ILE A 96 -2.60 18.57 7.75
CA ILE A 96 -1.97 19.88 7.89
C ILE A 96 -1.49 20.09 9.32
N GLN A 97 -1.86 19.23 10.24
CA GLN A 97 -1.34 19.15 11.61
C GLN A 97 -0.98 17.68 11.82
N THR A 98 -0.18 17.39 12.84
CA THR A 98 0.13 15.99 13.16
C THR A 98 -1.09 15.36 13.83
N PHE A 99 -1.08 14.03 13.95
CA PHE A 99 -2.10 13.33 14.67
C PHE A 99 -2.30 13.94 16.09
N GLU A 100 -1.20 14.12 16.83
CA GLU A 100 -1.35 14.63 18.18
C GLU A 100 -1.81 16.08 18.21
N GLU A 101 -1.37 16.91 17.28
CA GLU A 101 -1.85 18.30 17.25
C GLU A 101 -3.32 18.34 16.99
N TYR A 102 -3.81 17.59 15.98
CA TYR A 102 -5.27 17.56 15.74
C TYR A 102 -6.00 17.00 16.96
N TYR A 103 -5.49 15.96 17.58
CA TYR A 103 -6.18 15.39 18.71
C TYR A 103 -6.36 16.44 19.81
N GLN A 104 -5.29 17.18 20.12
CA GLN A 104 -5.39 18.16 21.19
C GLN A 104 -6.22 19.34 20.80
N HIS A 105 -6.15 19.83 19.57
CA HIS A 105 -6.89 21.05 19.20
C HIS A 105 -8.30 20.83 18.76
N ASP A 106 -8.59 19.63 18.23
CA ASP A 106 -9.87 19.38 17.61
C ASP A 106 -10.57 18.12 18.01
N THR A 107 -9.94 16.97 17.74
CA THR A 107 -10.68 15.73 17.89
C THR A 107 -11.08 15.38 19.32
N LYS A 108 -10.26 15.71 20.30
CA LYS A 108 -10.70 15.36 21.65
C LYS A 108 -11.95 16.17 22.04
N HIS A 109 -12.09 17.38 21.51
CA HIS A 109 -13.27 18.21 21.77
C HIS A 109 -14.47 17.69 21.02
N ILE A 110 -14.25 17.28 19.76
CA ILE A 110 -15.34 16.69 18.96
C ILE A 110 -15.91 15.47 19.69
N LEU A 111 -15.05 14.56 20.14
CA LEU A 111 -15.54 13.35 20.78
C LEU A 111 -16.15 13.62 22.16
N SER A 112 -15.54 14.49 22.93
CA SER A 112 -16.15 14.81 24.23
C SER A 112 -17.54 15.49 24.04
N ASN A 113 -17.63 16.42 23.09
CA ASN A 113 -18.93 17.04 22.88
C ASN A 113 -19.90 16.10 22.22
N ALA A 114 -19.44 15.15 21.38
CA ALA A 114 -20.37 14.18 20.84
C ALA A 114 -20.95 13.32 21.98
N LEU A 115 -20.12 12.91 22.92
CA LEU A 115 -20.57 12.12 24.03
C LEU A 115 -21.68 12.85 24.81
N ARG A 116 -21.42 14.11 25.10
CA ARG A 116 -22.41 14.89 25.85
C ARG A 116 -23.68 15.12 25.05
N HIS A 117 -23.56 15.56 23.80
CA HIS A 117 -24.75 15.87 23.02
C HIS A 117 -25.58 14.67 22.67
N LEU A 118 -24.95 13.52 22.37
CA LEU A 118 -25.73 12.31 22.08
C LEU A 118 -26.35 11.84 23.39
N HIS A 119 -25.60 11.84 24.48
CA HIS A 119 -26.20 11.42 25.75
C HIS A 119 -27.49 12.21 26.04
N ASP A 120 -27.42 13.51 25.84
CA ASP A 120 -28.57 14.38 26.15
C ASP A 120 -29.67 14.48 25.14
N ASN A 121 -29.48 14.03 23.91
CA ASN A 121 -30.46 14.12 22.82
C ASN A 121 -30.60 12.75 22.25
N PRO A 122 -31.49 11.93 22.78
CA PRO A 122 -31.62 10.56 22.31
C PRO A 122 -31.85 10.25 20.87
N GLU A 123 -32.46 11.17 20.12
CA GLU A 123 -32.71 10.92 18.68
C GLU A 123 -31.55 11.38 17.79
N MET A 124 -30.58 12.11 18.35
CA MET A 124 -29.43 12.54 17.55
C MET A 124 -28.53 11.28 17.32
N LYS A 125 -27.85 11.30 16.15
CA LYS A 125 -26.98 10.21 15.71
C LYS A 125 -25.67 10.77 15.23
N PHE A 126 -24.66 9.88 15.12
CA PHE A 126 -23.31 10.29 14.66
C PHE A 126 -22.55 9.03 14.27
N ILE A 127 -21.77 9.14 13.20
CA ILE A 127 -20.93 8.00 12.79
C ILE A 127 -19.47 8.40 12.94
N TRP A 128 -18.65 7.38 13.21
CA TRP A 128 -17.23 7.59 13.45
C TRP A 128 -16.41 6.55 12.70
N ALA A 129 -15.37 7.03 12.00
CA ALA A 129 -14.54 6.13 11.16
C ALA A 129 -13.13 5.81 11.70
N GLU A 130 -12.42 6.80 12.24
CA GLU A 130 -10.94 6.61 12.49
C GLU A 130 -10.69 6.15 13.91
N ILE A 131 -10.40 4.86 14.07
CA ILE A 131 -10.26 4.29 15.42
C ILE A 131 -8.96 4.73 16.06
N SER A 132 -7.93 5.11 15.36
CA SER A 132 -6.72 5.64 15.99
C SER A 132 -7.09 6.80 16.94
N TYR A 133 -7.92 7.72 16.47
CA TYR A 133 -8.37 8.81 17.36
C TYR A 133 -9.28 8.33 18.44
N PHE A 134 -10.21 7.45 18.13
CA PHE A 134 -11.17 7.05 19.15
C PHE A 134 -10.47 6.34 20.30
N ALA A 135 -9.52 5.45 19.99
CA ALA A 135 -8.77 4.72 21.02
C ALA A 135 -7.95 5.75 21.84
N ARG A 136 -7.34 6.74 21.23
CA ARG A 136 -6.53 7.80 21.91
C ARG A 136 -7.45 8.54 22.91
N PHE A 137 -8.70 8.81 22.53
CA PHE A 137 -9.67 9.52 23.37
C PHE A 137 -10.18 8.63 24.49
N TYR A 138 -10.65 7.43 24.15
CA TYR A 138 -11.29 6.53 25.09
C TYR A 138 -10.37 6.17 26.24
N HIS A 139 -9.11 5.91 25.94
CA HIS A 139 -8.23 5.51 27.01
C HIS A 139 -8.00 6.66 27.98
N ASP A 140 -8.16 7.91 27.56
CA ASP A 140 -7.99 9.05 28.48
C ASP A 140 -9.24 9.41 29.27
N LEU A 141 -10.36 8.79 28.97
CA LEU A 141 -11.62 9.04 29.69
C LEU A 141 -11.66 8.39 31.04
N GLY A 142 -12.32 9.09 32.00
CA GLY A 142 -12.57 8.50 33.30
C GLY A 142 -13.62 7.40 33.11
N GLU A 143 -13.71 6.52 34.08
CA GLU A 143 -14.60 5.39 34.00
C GLU A 143 -16.07 5.74 33.80
N ASN A 144 -16.57 6.78 34.47
CA ASN A 144 -17.97 7.15 34.33
C ASN A 144 -18.26 7.49 32.86
N LYS A 145 -17.38 8.27 32.25
CA LYS A 145 -17.55 8.62 30.82
C LYS A 145 -17.34 7.42 29.88
N LYS A 146 -16.42 6.51 30.21
CA LYS A 146 -16.26 5.30 29.40
C LYS A 146 -17.60 4.55 29.36
N LEU A 147 -18.25 4.44 30.51
CA LEU A 147 -19.55 3.76 30.60
C LEU A 147 -20.61 4.53 29.80
N GLN A 148 -20.66 5.84 29.89
CA GLN A 148 -21.61 6.61 29.09
C GLN A 148 -21.37 6.37 27.58
N MET A 149 -20.09 6.35 27.18
CA MET A 149 -19.72 6.13 25.77
C MET A 149 -20.18 4.73 25.32
N LYS A 150 -19.92 3.69 26.11
CA LYS A 150 -20.34 2.36 25.74
C LYS A 150 -21.86 2.31 25.58
N SER A 151 -22.59 3.07 26.40
CA SER A 151 -24.06 3.05 26.31
C SER A 151 -24.58 3.69 25.01
N ILE A 152 -24.02 4.83 24.59
CA ILE A 152 -24.48 5.43 23.35
C ILE A 152 -24.08 4.62 22.10
N VAL A 153 -23.05 3.78 22.23
CA VAL A 153 -22.69 2.85 21.15
C VAL A 153 -23.65 1.67 21.17
N LYS A 154 -23.89 1.11 22.36
CA LYS A 154 -24.75 -0.07 22.45
C LYS A 154 -26.19 0.26 22.02
N ASN A 155 -26.65 1.47 22.32
CA ASN A 155 -28.01 1.92 21.97
C ASN A 155 -28.14 2.43 20.52
N GLY A 156 -27.05 2.42 19.74
CA GLY A 156 -27.14 2.84 18.34
C GLY A 156 -27.08 4.29 18.00
N GLN A 157 -26.79 5.19 18.94
CA GLN A 157 -26.67 6.60 18.60
C GLN A 157 -25.32 6.91 17.92
N LEU A 158 -24.23 6.38 18.50
CA LEU A 158 -22.87 6.55 17.92
C LEU A 158 -22.56 5.22 17.25
N GLU A 159 -22.29 5.27 15.94
CA GLU A 159 -22.02 4.03 15.18
C GLU A 159 -20.68 4.13 14.50
N PHE A 160 -19.88 3.09 14.68
CA PHE A 160 -18.59 3.01 14.00
C PHE A 160 -18.82 2.52 12.57
N VAL A 161 -18.14 3.16 11.63
CA VAL A 161 -18.19 2.83 10.21
C VAL A 161 -16.76 2.45 9.80
N THR A 162 -16.69 1.29 9.15
CA THR A 162 -15.43 0.60 8.78
C THR A 162 -14.72 0.08 10.04
N GLY A 163 -14.28 0.99 10.91
CA GLY A 163 -13.62 0.58 12.14
C GLY A 163 -12.15 0.27 11.99
N GLY A 164 -11.54 0.75 10.89
CA GLY A 164 -10.09 0.63 10.79
C GLY A 164 -9.37 1.67 11.61
N TRP A 165 -8.06 1.45 11.84
CA TRP A 165 -7.26 2.45 12.53
C TRP A 165 -7.37 3.80 11.80
N VAL A 166 -7.42 3.74 10.46
CA VAL A 166 -7.52 4.93 9.60
C VAL A 166 -8.53 4.60 8.50
N MET A 167 -8.73 5.58 7.63
CA MET A 167 -9.47 5.42 6.34
C MET A 167 -8.26 5.40 5.35
N PRO A 168 -7.84 4.21 4.93
CA PRO A 168 -6.62 4.18 4.14
C PRO A 168 -6.64 4.68 2.74
N ASP A 169 -5.50 5.16 2.30
CA ASP A 169 -5.28 5.29 0.84
C ASP A 169 -5.58 3.92 0.21
N GLU A 170 -6.09 3.96 -1.03
CA GLU A 170 -6.40 2.72 -1.77
C GLU A 170 -5.48 2.56 -3.00
N ALA A 171 -4.63 3.54 -3.30
CA ALA A 171 -3.79 3.44 -4.47
C ALA A 171 -2.40 2.86 -4.18
N ASN A 172 -1.73 3.40 -3.15
CA ASN A 172 -0.34 3.01 -2.88
C ASN A 172 -0.23 1.93 -1.84
N SER A 173 -1.26 1.73 -1.05
CA SER A 173 -1.23 0.78 0.07
C SER A 173 -1.16 -0.66 -0.38
N HIS A 174 -0.36 -1.45 0.32
CA HIS A 174 -0.33 -2.87 0.08
C HIS A 174 -1.53 -3.52 0.79
N TRP A 175 -2.18 -4.49 0.16
CA TRP A 175 -3.32 -5.16 0.76
C TRP A 175 -2.98 -5.69 2.15
N ARG A 176 -1.74 -6.15 2.35
CA ARG A 176 -1.41 -6.65 3.69
C ARG A 176 -1.54 -5.56 4.74
N ASN A 177 -1.16 -4.33 4.41
CA ASN A 177 -1.28 -3.26 5.38
C ASN A 177 -2.69 -2.72 5.48
N VAL A 178 -3.47 -2.82 4.43
CA VAL A 178 -4.88 -2.43 4.55
C VAL A 178 -5.51 -3.40 5.56
N LEU A 179 -5.22 -4.69 5.44
CA LEU A 179 -5.76 -5.65 6.39
C LEU A 179 -5.20 -5.40 7.79
N LEU A 180 -3.93 -5.06 7.91
CA LEU A 180 -3.32 -4.83 9.22
C LEU A 180 -4.06 -3.70 9.94
N GLN A 181 -4.29 -2.56 9.25
CA GLN A 181 -4.91 -1.42 9.94
C GLN A 181 -6.38 -1.69 10.22
N LEU A 182 -7.06 -2.42 9.35
CA LEU A 182 -8.45 -2.81 9.60
C LEU A 182 -8.52 -3.64 10.86
N THR A 183 -7.60 -4.62 10.97
CA THR A 183 -7.58 -5.52 12.11
C THR A 183 -7.23 -4.73 13.37
N GLU A 184 -6.34 -3.79 13.31
CA GLU A 184 -5.94 -3.04 14.51
C GLU A 184 -7.15 -2.30 15.04
N GLY A 185 -7.89 -1.58 14.20
CA GLY A 185 -9.06 -0.85 14.67
C GLY A 185 -10.18 -1.78 15.10
N GLN A 186 -10.45 -2.84 14.36
CA GLN A 186 -11.61 -3.68 14.72
C GLN A 186 -11.30 -4.50 15.97
N THR A 187 -10.05 -4.90 16.18
CA THR A 187 -9.74 -5.67 17.39
C THR A 187 -9.94 -4.77 18.61
N TRP A 188 -9.53 -3.52 18.51
CA TRP A 188 -9.80 -2.56 19.60
C TRP A 188 -11.31 -2.40 19.81
N LEU A 189 -12.07 -2.22 18.76
CA LEU A 189 -13.52 -2.04 18.91
C LEU A 189 -14.16 -3.26 19.52
N LYS A 190 -13.78 -4.45 19.15
CA LYS A 190 -14.40 -5.63 19.74
C LYS A 190 -14.08 -5.68 21.23
N GLN A 191 -12.85 -5.44 21.64
CA GLN A 191 -12.45 -5.51 23.03
C GLN A 191 -13.13 -4.45 23.87
N PHE A 192 -13.15 -3.19 23.46
CA PHE A 192 -13.64 -2.13 24.31
C PHE A 192 -15.04 -1.67 24.07
N MET A 193 -15.55 -1.79 22.85
CA MET A 193 -16.91 -1.34 22.51
C MET A 193 -17.86 -2.49 22.23
N ASN A 194 -17.35 -3.71 22.13
CA ASN A 194 -18.15 -4.87 21.82
C ASN A 194 -18.96 -4.75 20.54
N VAL A 195 -18.36 -4.23 19.47
CA VAL A 195 -19.03 -4.11 18.19
C VAL A 195 -18.01 -4.35 17.07
N THR A 196 -18.51 -4.87 15.96
CA THR A 196 -17.72 -5.06 14.75
C THR A 196 -18.51 -4.49 13.58
N PRO A 197 -18.09 -3.36 13.00
CA PRO A 197 -18.84 -2.78 11.88
C PRO A 197 -18.93 -3.74 10.70
N THR A 198 -20.07 -3.66 10.01
CA THR A 198 -20.29 -4.42 8.76
C THR A 198 -20.56 -3.48 7.59
N ALA A 199 -20.50 -2.17 7.83
CA ALA A 199 -20.65 -1.17 6.77
C ALA A 199 -19.37 -0.31 6.77
N SER A 200 -18.86 -0.05 5.58
CA SER A 200 -17.63 0.73 5.44
C SER A 200 -17.96 2.11 4.85
N TRP A 201 -17.19 3.11 5.24
CA TRP A 201 -17.34 4.52 4.88
C TRP A 201 -15.98 5.03 4.41
N ALA A 202 -15.82 5.31 3.11
CA ALA A 202 -14.55 5.81 2.56
C ALA A 202 -14.84 7.02 1.70
N ILE A 203 -14.92 8.18 2.34
CA ILE A 203 -15.34 9.41 1.65
C ILE A 203 -14.19 10.22 1.10
N ASP A 204 -12.95 9.93 1.49
CA ASP A 204 -11.84 10.76 1.06
C ASP A 204 -10.67 10.15 0.30
N PRO A 205 -10.45 8.81 0.23
CA PRO A 205 -9.29 8.32 -0.57
C PRO A 205 -9.43 8.83 -2.03
N PHE A 206 -8.29 9.05 -2.69
CA PHE A 206 -8.34 9.77 -3.98
C PHE A 206 -8.45 8.75 -5.13
N GLY A 207 -9.65 8.24 -5.30
CA GLY A 207 -9.91 7.10 -6.19
C GLY A 207 -10.01 5.85 -5.33
N HIS A 208 -10.62 4.81 -5.89
CA HIS A 208 -10.98 3.60 -5.11
C HIS A 208 -10.61 2.31 -5.80
N SER A 209 -10.20 1.33 -4.97
CA SER A 209 -9.70 0.05 -5.43
C SER A 209 -10.60 -1.10 -5.04
N PRO A 210 -10.75 -2.12 -5.92
CA PRO A 210 -11.56 -3.31 -5.61
C PRO A 210 -10.89 -4.16 -4.55
N THR A 211 -9.63 -3.86 -4.17
CA THR A 211 -9.03 -4.59 -3.03
C THR A 211 -9.84 -4.35 -1.75
N MET A 212 -10.47 -3.16 -1.65
CA MET A 212 -11.28 -2.89 -0.45
C MET A 212 -12.46 -3.88 -0.31
N PRO A 213 -13.37 -3.98 -1.29
CA PRO A 213 -14.46 -4.96 -1.09
C PRO A 213 -13.89 -6.36 -0.94
N TYR A 214 -12.75 -6.69 -1.61
CA TYR A 214 -12.16 -8.03 -1.47
C TYR A 214 -11.91 -8.34 0.01
N ILE A 215 -11.18 -7.44 0.67
CA ILE A 215 -10.82 -7.65 2.08
C ILE A 215 -12.06 -7.55 2.99
N LEU A 216 -12.89 -6.52 2.74
CA LEU A 216 -14.07 -6.29 3.58
C LEU A 216 -15.04 -7.45 3.51
N GLN A 217 -15.30 -7.99 2.34
CA GLN A 217 -16.25 -9.10 2.23
C GLN A 217 -15.74 -10.34 2.96
N LYS A 218 -14.42 -10.52 3.06
CA LYS A 218 -13.80 -11.63 3.78
C LYS A 218 -13.59 -11.30 5.26
N SER A 219 -14.08 -10.15 5.69
CA SER A 219 -13.98 -9.68 7.06
C SER A 219 -15.37 -9.37 7.63
N GLY A 220 -16.40 -10.02 7.09
CA GLY A 220 -17.75 -9.88 7.63
C GLY A 220 -18.60 -8.74 7.10
N PHE A 221 -18.06 -7.88 6.24
CA PHE A 221 -18.85 -6.76 5.79
C PHE A 221 -19.96 -7.15 4.83
N LYS A 222 -20.97 -6.31 4.86
CA LYS A 222 -22.15 -6.42 3.99
C LYS A 222 -22.35 -5.24 3.11
N ASN A 223 -21.74 -4.08 3.40
CA ASN A 223 -22.01 -2.88 2.58
C ASN A 223 -20.81 -1.96 2.65
N MET A 224 -20.63 -1.15 1.62
CA MET A 224 -19.56 -0.13 1.64
C MET A 224 -19.98 1.12 0.86
N LEU A 225 -19.35 2.23 1.18
CA LEU A 225 -19.65 3.49 0.55
C LEU A 225 -18.34 4.13 0.08
N ILE A 226 -18.37 4.71 -1.10
CA ILE A 226 -17.23 5.43 -1.71
C ILE A 226 -17.68 6.78 -2.24
N GLN A 227 -16.72 7.70 -2.45
CA GLN A 227 -17.03 9.05 -2.91
C GLN A 227 -16.11 9.57 -4.01
N ARG A 228 -14.79 9.49 -3.93
CA ARG A 228 -13.98 10.17 -4.92
C ARG A 228 -13.76 9.31 -6.11
N THR A 229 -14.67 9.44 -7.10
CA THR A 229 -14.53 8.79 -8.39
C THR A 229 -14.65 9.92 -9.42
N HIS A 230 -14.09 9.65 -10.58
CA HIS A 230 -14.06 10.66 -11.67
C HIS A 230 -15.44 11.26 -11.94
N TYR A 231 -15.48 12.58 -12.06
CA TYR A 231 -16.78 13.22 -12.29
C TYR A 231 -17.50 12.66 -13.53
N SER A 232 -16.81 12.18 -14.54
CA SER A 232 -17.50 11.65 -15.73
C SER A 232 -18.14 10.32 -15.38
N VAL A 233 -17.49 9.52 -14.50
CA VAL A 233 -18.05 8.23 -14.08
C VAL A 233 -19.32 8.48 -13.23
N LYS A 234 -19.26 9.43 -12.30
CA LYS A 234 -20.47 9.75 -11.54
C LYS A 234 -21.63 10.09 -12.50
N LYS A 235 -21.36 10.93 -13.50
CA LYS A 235 -22.45 11.30 -14.43
C LYS A 235 -22.98 10.11 -15.18
N GLU A 236 -22.12 9.25 -15.70
CA GLU A 236 -22.55 8.11 -16.47
C GLU A 236 -23.35 7.16 -15.62
N LEU A 237 -22.84 6.81 -14.42
CA LEU A 237 -23.55 5.89 -13.61
C LEU A 237 -24.85 6.52 -13.09
N ALA A 238 -24.84 7.80 -12.75
CA ALA A 238 -26.07 8.42 -12.28
C ALA A 238 -27.18 8.32 -13.36
N GLN A 239 -26.82 8.57 -14.62
CA GLN A 239 -27.82 8.52 -15.71
C GLN A 239 -28.46 7.16 -15.81
N GLN A 240 -27.77 6.08 -15.44
CA GLN A 240 -28.29 4.74 -15.55
C GLN A 240 -28.75 4.17 -14.18
N ARG A 241 -28.75 5.03 -13.16
CA ARG A 241 -29.04 4.62 -11.77
C ARG A 241 -28.20 3.38 -11.41
N GLN A 242 -26.88 3.50 -11.70
CA GLN A 242 -25.92 2.42 -11.38
C GLN A 242 -24.92 2.89 -10.30
N LEU A 243 -25.33 3.86 -9.45
CA LEU A 243 -24.45 4.33 -8.38
C LEU A 243 -24.46 3.34 -7.22
N GLU A 244 -25.43 2.43 -7.11
CA GLU A 244 -25.40 1.37 -6.12
C GLU A 244 -25.25 0.10 -6.94
N PHE A 245 -24.29 -0.73 -6.56
CA PHE A 245 -23.94 -1.91 -7.37
C PHE A 245 -23.33 -2.98 -6.52
N LEU A 246 -23.34 -4.20 -7.01
CA LEU A 246 -22.69 -5.33 -6.35
C LEU A 246 -21.31 -5.42 -6.96
N TRP A 247 -20.30 -4.98 -6.20
CA TRP A 247 -18.93 -4.89 -6.70
C TRP A 247 -18.21 -6.19 -6.48
N ARG A 248 -17.92 -6.91 -7.58
CA ARG A 248 -17.19 -8.16 -7.49
C ARG A 248 -15.77 -7.99 -8.09
N GLN A 249 -14.90 -8.93 -7.80
CA GLN A 249 -13.53 -8.88 -8.39
C GLN A 249 -13.59 -9.15 -9.89
N ILE A 250 -12.59 -8.64 -10.61
CA ILE A 250 -12.57 -8.70 -12.05
C ILE A 250 -12.50 -10.12 -12.59
N TRP A 251 -11.98 -11.06 -11.81
CA TRP A 251 -11.87 -12.46 -12.25
C TRP A 251 -12.98 -13.36 -11.73
N ASP A 252 -13.94 -12.80 -10.98
CA ASP A 252 -14.96 -13.62 -10.31
C ASP A 252 -16.18 -13.89 -11.14
N ASN A 253 -16.20 -15.09 -11.73
CA ASN A 253 -17.29 -15.47 -12.59
C ASN A 253 -18.62 -15.72 -11.86
N LYS A 254 -18.54 -16.32 -10.69
CA LYS A 254 -19.75 -16.67 -9.91
C LYS A 254 -20.36 -15.52 -9.14
N GLY A 255 -19.49 -14.65 -8.60
CA GLY A 255 -19.97 -13.48 -7.86
C GLY A 255 -19.86 -13.64 -6.35
N ASP A 256 -19.18 -14.65 -5.85
CA ASP A 256 -19.06 -14.86 -4.40
C ASP A 256 -18.29 -13.77 -3.69
N THR A 257 -17.50 -12.98 -4.42
CA THR A 257 -16.77 -11.86 -3.81
C THR A 257 -17.58 -10.59 -3.72
N ALA A 258 -18.77 -10.58 -4.30
CA ALA A 258 -19.54 -9.34 -4.38
C ALA A 258 -19.86 -8.65 -3.07
N LEU A 259 -19.77 -7.32 -3.06
CA LEU A 259 -20.11 -6.50 -1.88
C LEU A 259 -20.91 -5.35 -2.37
N PHE A 260 -22.09 -5.16 -1.74
CA PHE A 260 -22.94 -4.01 -2.10
C PHE A 260 -22.22 -2.71 -1.83
N THR A 261 -22.19 -1.84 -2.83
CA THR A 261 -21.46 -0.59 -2.76
C THR A 261 -22.35 0.59 -3.15
N HIS A 262 -22.26 1.66 -2.38
CA HIS A 262 -22.93 2.89 -2.70
C HIS A 262 -21.90 3.94 -3.08
N MET A 263 -21.96 4.49 -4.29
CA MET A 263 -21.12 5.58 -4.70
C MET A 263 -21.93 6.89 -4.55
N MET A 264 -21.40 7.86 -3.83
CA MET A 264 -22.06 9.18 -3.69
C MET A 264 -21.97 9.82 -5.07
N PRO A 265 -22.95 10.70 -5.40
CA PRO A 265 -22.99 11.29 -6.74
C PRO A 265 -22.35 12.55 -7.11
N PHE A 266 -21.95 13.35 -6.09
CA PHE A 266 -21.52 14.71 -6.27
C PHE A 266 -20.06 14.97 -6.01
N TYR A 267 -19.68 16.22 -6.14
CA TYR A 267 -18.27 16.60 -6.17
C TYR A 267 -17.55 16.46 -4.83
N SER A 268 -18.26 16.54 -3.73
CA SER A 268 -17.63 16.47 -2.40
C SER A 268 -18.55 15.80 -1.42
N TYR A 269 -17.98 15.41 -0.26
CA TYR A 269 -18.74 14.90 0.88
C TYR A 269 -19.19 16.04 1.80
N ASP A 270 -18.81 17.29 1.49
CA ASP A 270 -19.25 18.42 2.35
C ASP A 270 -20.75 18.68 2.23
N ILE A 271 -21.27 19.52 3.13
CA ILE A 271 -22.75 19.71 3.16
C ILE A 271 -23.28 20.31 1.83
N PRO A 272 -22.59 21.28 1.24
CA PRO A 272 -23.09 21.82 -0.05
C PRO A 272 -23.22 20.78 -1.12
N HIS A 273 -22.49 19.65 -1.06
CA HIS A 273 -22.54 18.63 -2.13
C HIS A 273 -23.14 17.34 -1.68
N THR A 274 -23.93 17.36 -0.61
CA THR A 274 -24.55 16.15 -0.14
C THR A 274 -26.07 16.24 0.05
N CYS A 275 -26.68 17.44 0.02
CA CYS A 275 -28.15 17.43 0.17
C CYS A 275 -28.91 17.22 -1.16
N GLY A 276 -28.22 17.44 -2.28
CA GLY A 276 -28.87 17.48 -3.58
C GLY A 276 -27.92 18.07 -4.59
N PRO A 277 -28.36 18.26 -5.85
CA PRO A 277 -27.53 18.77 -6.94
C PRO A 277 -27.08 20.19 -6.97
N ASP A 278 -27.75 21.05 -6.19
CA ASP A 278 -27.43 22.50 -6.27
C ASP A 278 -26.74 22.95 -4.98
N PRO A 279 -25.40 23.15 -5.07
CA PRO A 279 -24.71 23.55 -3.84
C PRO A 279 -25.10 24.89 -3.27
N LYS A 280 -25.59 25.80 -4.12
CA LYS A 280 -26.03 27.12 -3.66
C LYS A 280 -27.19 26.96 -2.71
N VAL A 281 -28.04 25.93 -2.92
CA VAL A 281 -29.15 25.64 -2.03
C VAL A 281 -28.68 24.81 -0.81
N CYS A 282 -27.91 23.72 -1.07
CA CYS A 282 -27.47 22.88 0.06
C CYS A 282 -26.63 23.66 1.07
N CYS A 283 -25.84 24.61 0.60
CA CYS A 283 -25.01 25.37 1.53
C CYS A 283 -25.85 26.11 2.60
N GLN A 284 -27.11 26.45 2.27
CA GLN A 284 -28.01 27.14 3.19
C GLN A 284 -28.48 26.25 4.26
N PHE A 285 -28.17 24.93 4.16
CA PHE A 285 -28.57 23.98 5.17
C PHE A 285 -27.34 23.45 5.96
N ASP A 286 -26.23 24.17 5.83
CA ASP A 286 -25.06 23.91 6.71
C ASP A 286 -25.12 25.06 7.75
N PHE A 287 -25.71 24.78 8.91
CA PHE A 287 -25.98 25.88 9.83
C PHE A 287 -24.78 26.41 10.53
N LYS A 288 -23.60 25.80 10.30
CA LYS A 288 -22.36 26.39 10.85
C LYS A 288 -21.84 27.55 9.98
N ARG A 289 -22.50 27.84 8.85
CA ARG A 289 -21.99 28.89 7.95
C ARG A 289 -22.72 30.27 8.09
N MET A 290 -23.30 30.62 9.24
CA MET A 290 -23.97 31.95 9.28
C MET A 290 -23.05 33.16 9.66
N GLY A 291 -21.79 32.91 10.16
CA GLY A 291 -20.88 33.99 10.50
C GLY A 291 -19.95 33.93 11.76
N SER A 292 -20.56 33.65 12.92
CA SER A 292 -19.84 33.58 14.20
C SER A 292 -18.77 32.46 14.24
N PHE A 293 -18.92 31.46 13.35
CA PHE A 293 -17.94 30.36 13.25
C PHE A 293 -16.86 30.65 12.23
N GLY A 294 -16.92 31.81 11.60
CA GLY A 294 -15.87 32.09 10.64
C GLY A 294 -16.01 31.39 9.29
N LEU A 295 -17.22 30.92 8.97
CA LEU A 295 -17.47 30.20 7.72
C LEU A 295 -18.59 30.90 6.97
N SER A 296 -18.62 30.71 5.66
CA SER A 296 -19.66 31.32 4.84
C SER A 296 -19.91 30.42 3.65
N CYS A 297 -20.90 30.79 2.80
CA CYS A 297 -21.26 30.04 1.58
C CYS A 297 -20.64 30.74 0.35
N PRO A 298 -19.79 30.08 -0.41
CA PRO A 298 -19.20 30.80 -1.55
C PRO A 298 -20.20 31.11 -2.64
N TRP A 299 -21.38 30.49 -2.61
CA TRP A 299 -22.43 30.79 -3.63
C TRP A 299 -23.20 32.07 -3.23
N LYS A 300 -22.84 32.65 -2.10
CA LYS A 300 -23.36 33.96 -1.66
C LYS A 300 -24.77 34.04 -1.09
N VAL A 301 -25.37 32.90 -0.76
CA VAL A 301 -26.66 32.92 -0.10
C VAL A 301 -26.36 32.18 1.20
N PRO A 302 -26.50 32.84 2.36
CA PRO A 302 -26.21 32.22 3.65
C PRO A 302 -27.33 31.37 4.21
N PRO A 303 -27.00 30.50 5.16
CA PRO A 303 -28.06 29.73 5.77
C PRO A 303 -28.84 30.74 6.62
N ARG A 304 -30.10 30.44 6.90
CA ARG A 304 -30.94 31.27 7.77
C ARG A 304 -31.55 30.33 8.81
N THR A 305 -31.58 30.77 10.07
CA THR A 305 -32.15 30.00 11.15
C THR A 305 -33.58 29.63 10.79
N ILE A 306 -34.00 28.40 11.05
CA ILE A 306 -35.34 27.96 10.74
C ILE A 306 -36.25 28.48 11.83
N SER A 307 -37.41 29.04 11.36
CA SER A 307 -38.44 29.62 12.25
C SER A 307 -39.78 29.13 11.75
N ASP A 308 -40.84 29.39 12.53
CA ASP A 308 -42.17 29.02 12.03
C ASP A 308 -42.57 29.83 10.79
N GLN A 309 -42.00 31.02 10.55
CA GLN A 309 -42.32 31.86 9.39
C GLN A 309 -41.61 31.51 8.10
N ASN A 310 -40.50 30.76 8.19
CA ASN A 310 -39.80 30.40 6.99
C ASN A 310 -39.71 28.88 6.83
N VAL A 311 -40.19 28.12 7.78
CA VAL A 311 -39.91 26.64 7.66
C VAL A 311 -40.59 26.07 6.43
N ALA A 312 -41.77 26.55 6.02
CA ALA A 312 -42.40 25.97 4.82
C ALA A 312 -41.59 26.26 3.57
N ALA A 313 -41.09 27.46 3.35
CA ALA A 313 -40.33 27.79 2.16
C ALA A 313 -38.97 27.04 2.22
N ARG A 314 -38.34 27.03 3.39
CA ARG A 314 -37.05 26.31 3.56
C ARG A 314 -37.28 24.80 3.28
N SER A 315 -38.33 24.21 3.82
CA SER A 315 -38.63 22.79 3.52
C SER A 315 -38.94 22.59 2.06
N ASP A 316 -39.66 23.50 1.42
CA ASP A 316 -39.93 23.34 -0.02
C ASP A 316 -38.61 23.18 -0.72
N LEU A 317 -37.65 24.06 -0.41
CA LEU A 317 -36.38 24.03 -1.11
C LEU A 317 -35.57 22.76 -0.82
N LEU A 318 -35.56 22.35 0.43
CA LEU A 318 -34.74 21.19 0.83
C LEU A 318 -35.34 19.91 0.30
N VAL A 319 -36.65 19.72 0.42
CA VAL A 319 -37.25 18.51 -0.09
C VAL A 319 -37.07 18.40 -1.61
N ASP A 320 -37.12 19.52 -2.34
CA ASP A 320 -36.90 19.50 -3.78
C ASP A 320 -35.48 18.99 -4.06
N GLN A 321 -34.47 19.45 -3.29
CA GLN A 321 -33.09 18.90 -3.47
C GLN A 321 -33.08 17.40 -3.19
N TRP A 322 -33.70 16.95 -2.11
CA TRP A 322 -33.72 15.54 -1.79
C TRP A 322 -34.37 14.72 -2.88
N LYS A 323 -35.52 15.17 -3.41
CA LYS A 323 -36.19 14.38 -4.45
C LYS A 323 -35.38 14.36 -5.72
N LYS A 324 -34.64 15.41 -6.01
CA LYS A 324 -33.75 15.34 -7.18
C LYS A 324 -32.64 14.30 -6.93
N LYS A 325 -32.00 14.35 -5.76
CA LYS A 325 -30.96 13.36 -5.47
C LYS A 325 -31.53 11.95 -5.56
N ALA A 326 -32.77 11.74 -5.05
CA ALA A 326 -33.38 10.42 -5.04
C ALA A 326 -33.60 9.89 -6.47
N GLU A 327 -33.69 10.79 -7.44
CA GLU A 327 -33.86 10.31 -8.81
C GLU A 327 -32.66 9.52 -9.35
N LEU A 328 -31.49 9.67 -8.71
CA LEU A 328 -30.26 9.02 -9.17
C LEU A 328 -30.16 7.62 -8.62
N TYR A 329 -31.08 7.17 -7.77
CA TYR A 329 -30.99 5.87 -7.11
C TYR A 329 -32.28 5.06 -7.28
N ARG A 330 -32.26 3.80 -6.95
CA ARG A 330 -33.36 2.90 -7.24
C ARG A 330 -34.36 2.67 -6.16
N THR A 331 -34.06 2.93 -4.90
CA THR A 331 -35.06 2.67 -3.87
C THR A 331 -35.68 3.98 -3.38
N ASN A 332 -36.62 3.84 -2.44
CA ASN A 332 -37.26 5.02 -1.83
C ASN A 332 -36.59 5.35 -0.47
N VAL A 333 -35.30 4.96 -0.30
CA VAL A 333 -34.52 5.25 0.92
C VAL A 333 -33.37 6.12 0.48
N LEU A 334 -33.21 7.33 1.01
CA LEU A 334 -32.21 8.28 0.59
C LEU A 334 -31.18 8.57 1.70
N LEU A 335 -29.90 8.54 1.32
CA LEU A 335 -28.79 8.84 2.27
C LEU A 335 -28.39 10.31 2.08
N ILE A 336 -28.41 11.07 3.18
CA ILE A 336 -27.99 12.45 3.20
C ILE A 336 -26.91 12.64 4.28
N PRO A 337 -25.62 12.52 3.89
CA PRO A 337 -24.56 12.77 4.89
C PRO A 337 -24.64 14.24 5.34
N LEU A 338 -24.29 14.49 6.60
CA LEU A 338 -24.31 15.88 7.14
C LEU A 338 -22.99 16.09 7.90
N GLY A 339 -21.97 16.60 7.22
CA GLY A 339 -20.68 16.74 7.90
C GLY A 339 -19.62 17.29 6.98
N ASP A 340 -18.39 17.41 7.52
CA ASP A 340 -17.26 17.97 6.79
C ASP A 340 -16.03 17.74 7.74
N ASP A 341 -14.91 18.30 7.32
CA ASP A 341 -13.64 18.08 8.05
C ASP A 341 -13.73 18.62 9.47
N PHE A 342 -13.40 17.79 10.43
CA PHE A 342 -13.32 18.17 11.86
C PHE A 342 -14.56 18.96 12.30
N ARG A 343 -15.72 18.52 11.82
CA ARG A 343 -16.98 19.12 12.26
C ARG A 343 -17.43 18.53 13.60
N PHE A 344 -18.51 19.19 14.10
CA PHE A 344 -19.15 18.83 15.39
C PHE A 344 -18.17 18.98 16.54
N LYS A 345 -17.46 20.09 16.56
CA LYS A 345 -16.52 20.38 17.63
C LYS A 345 -17.26 21.17 18.77
N GLN A 346 -17.57 22.42 18.46
CA GLN A 346 -18.21 23.32 19.43
C GLN A 346 -19.61 22.88 19.88
N ASN A 347 -19.91 23.06 21.17
CA ASN A 347 -21.28 22.78 21.66
C ASN A 347 -22.31 23.60 20.88
N THR A 348 -21.98 24.82 20.57
CA THR A 348 -22.89 25.68 19.82
C THR A 348 -23.13 25.13 18.43
N GLU A 349 -22.12 24.46 17.83
CA GLU A 349 -22.29 23.84 16.50
C GLU A 349 -23.24 22.63 16.57
N TRP A 350 -23.06 21.79 17.56
CA TRP A 350 -23.99 20.67 17.74
C TRP A 350 -25.42 21.23 17.80
N ASP A 351 -25.62 22.28 18.63
CA ASP A 351 -26.96 22.88 18.76
C ASP A 351 -27.48 23.47 17.48
N VAL A 352 -26.67 24.23 16.76
CA VAL A 352 -27.22 24.90 15.62
C VAL A 352 -27.59 23.89 14.51
N GLN A 353 -26.83 22.80 14.32
CA GLN A 353 -27.21 21.82 13.33
C GLN A 353 -28.40 21.02 13.82
N ARG A 354 -28.38 20.53 15.04
CA ARG A 354 -29.45 19.68 15.51
C ARG A 354 -30.82 20.39 15.59
N VAL A 355 -30.86 21.60 16.17
CA VAL A 355 -32.16 22.25 16.37
C VAL A 355 -32.75 22.67 15.04
N ASN A 356 -31.96 23.17 14.12
CA ASN A 356 -32.50 23.58 12.83
C ASN A 356 -33.02 22.38 12.04
N TYR A 357 -32.28 21.25 12.01
CA TYR A 357 -32.79 20.04 11.34
C TYR A 357 -34.00 19.50 12.06
N GLU A 358 -34.05 19.51 13.39
CA GLU A 358 -35.26 19.02 14.05
C GLU A 358 -36.50 19.86 13.63
N ARG A 359 -36.35 21.16 13.46
CA ARG A 359 -37.52 21.97 13.04
C ARG A 359 -37.93 21.59 11.61
N LEU A 360 -36.95 21.34 10.73
CA LEU A 360 -37.27 20.92 9.39
C LEU A 360 -37.96 19.57 9.41
N PHE A 361 -37.48 18.59 10.17
CA PHE A 361 -38.11 17.29 10.17
C PHE A 361 -39.54 17.38 10.70
N GLU A 362 -39.74 18.12 11.81
CA GLU A 362 -41.08 18.19 12.37
C GLU A 362 -42.05 18.77 11.32
N HIS A 363 -41.67 19.79 10.59
CA HIS A 363 -42.54 20.34 9.57
C HIS A 363 -42.75 19.35 8.43
N ILE A 364 -41.66 18.87 7.83
CA ILE A 364 -41.74 17.99 6.67
C ILE A 364 -42.51 16.75 6.96
N ASN A 365 -42.27 16.13 8.07
CA ASN A 365 -42.90 14.86 8.36
C ASN A 365 -44.40 14.99 8.66
N SER A 366 -44.82 16.23 8.96
CA SER A 366 -46.24 16.52 9.27
C SER A 366 -46.98 17.05 8.05
N GLN A 367 -46.32 17.35 6.94
CA GLN A 367 -46.96 17.88 5.74
C GLN A 367 -47.10 16.71 4.76
N ALA A 368 -48.27 16.08 4.77
CA ALA A 368 -48.49 14.90 3.92
C ALA A 368 -48.15 15.15 2.46
N HIS A 369 -48.35 16.37 1.95
CA HIS A 369 -48.07 16.65 0.55
C HIS A 369 -46.61 16.37 0.11
N PHE A 370 -45.66 16.40 1.05
CA PHE A 370 -44.27 16.06 0.65
C PHE A 370 -44.07 14.54 0.52
N ASN A 371 -44.86 13.75 1.25
CA ASN A 371 -44.74 12.30 1.26
C ASN A 371 -43.29 11.89 1.57
N VAL A 372 -42.77 12.51 2.62
CA VAL A 372 -41.39 12.23 3.08
C VAL A 372 -41.40 11.94 4.59
N GLN A 373 -40.58 10.99 5.04
CA GLN A 373 -40.36 10.77 6.49
C GLN A 373 -38.81 10.93 6.64
N ALA A 374 -38.36 12.01 7.28
CA ALA A 374 -36.94 12.32 7.44
C ALA A 374 -36.51 12.25 8.87
N GLN A 375 -35.29 11.76 9.12
CA GLN A 375 -34.78 11.63 10.49
C GLN A 375 -33.28 11.52 10.47
N PHE A 376 -32.69 11.76 11.64
CA PHE A 376 -31.25 11.49 11.79
C PHE A 376 -31.13 9.98 11.76
N GLY A 377 -30.04 9.51 11.14
CA GLY A 377 -29.79 8.06 11.09
C GLY A 377 -28.30 7.78 11.03
N THR A 378 -28.01 6.48 11.04
CA THR A 378 -26.62 6.00 10.91
C THR A 378 -26.50 5.35 9.53
N LEU A 379 -25.24 5.03 9.19
CA LEU A 379 -24.98 4.40 7.90
C LEU A 379 -25.62 3.01 7.80
N GLN A 380 -25.50 2.20 8.85
CA GLN A 380 -26.09 0.86 8.83
C GLN A 380 -27.60 0.98 8.70
N GLU A 381 -28.22 1.97 9.33
CA GLU A 381 -29.69 2.11 9.21
C GLU A 381 -30.07 2.37 7.74
N TYR A 382 -29.31 3.19 7.03
CA TYR A 382 -29.58 3.44 5.64
C TYR A 382 -29.48 2.11 4.86
N PHE A 383 -28.38 1.37 5.01
CA PHE A 383 -28.24 0.15 4.23
C PHE A 383 -29.31 -0.89 4.58
N ASP A 384 -29.64 -0.99 5.85
CA ASP A 384 -30.68 -1.97 6.23
C ASP A 384 -31.99 -1.63 5.52
N ALA A 385 -32.34 -0.35 5.44
CA ALA A 385 -33.56 0.06 4.80
C ALA A 385 -33.50 -0.16 3.29
N VAL A 386 -32.35 0.11 2.67
CA VAL A 386 -32.20 -0.15 1.24
C VAL A 386 -32.43 -1.65 0.96
N HIS A 387 -31.82 -2.53 1.75
CA HIS A 387 -32.01 -3.96 1.49
C HIS A 387 -33.43 -4.45 1.82
N GLN A 388 -34.13 -3.79 2.75
CA GLN A 388 -35.53 -4.15 3.01
C GLN A 388 -36.31 -3.84 1.75
N ALA A 389 -36.04 -2.72 1.09
CA ALA A 389 -36.72 -2.33 -0.14
C ALA A 389 -36.43 -3.32 -1.24
N GLU A 390 -35.16 -3.72 -1.35
CA GLU A 390 -34.71 -4.72 -2.33
C GLU A 390 -35.49 -6.03 -2.14
N ARG A 391 -35.54 -6.54 -0.91
CA ARG A 391 -36.24 -7.79 -0.63
C ARG A 391 -37.75 -7.65 -0.89
N ALA A 392 -38.28 -6.45 -0.79
CA ALA A 392 -39.70 -6.25 -1.06
C ALA A 392 -39.91 -6.22 -2.59
N GLY A 393 -38.84 -6.40 -3.37
CA GLY A 393 -38.96 -6.39 -4.82
C GLY A 393 -39.04 -5.01 -5.41
N GLN A 394 -38.61 -4.02 -4.64
CA GLN A 394 -38.71 -2.67 -5.07
C GLN A 394 -37.58 -2.25 -6.01
N ALA A 395 -36.45 -2.98 -5.99
CA ALA A 395 -35.31 -2.66 -6.83
C ALA A 395 -34.40 -3.89 -7.02
N GLU A 396 -33.64 -3.88 -8.11
CA GLU A 396 -32.63 -4.91 -8.39
C GLU A 396 -31.38 -4.05 -8.63
N PHE A 397 -30.22 -4.56 -8.25
CA PHE A 397 -29.02 -3.77 -8.42
C PHE A 397 -28.08 -4.38 -9.47
N PRO A 398 -27.40 -3.54 -10.20
CA PRO A 398 -26.45 -4.03 -11.21
C PRO A 398 -25.16 -4.60 -10.59
N THR A 399 -24.51 -5.44 -11.34
CA THR A 399 -23.21 -5.98 -10.95
C THR A 399 -22.10 -5.14 -11.64
N LEU A 400 -20.95 -5.02 -10.98
CA LEU A 400 -19.87 -4.21 -11.50
C LEU A 400 -18.54 -4.83 -11.13
N SER A 401 -17.58 -4.73 -12.06
CA SER A 401 -16.18 -5.03 -11.71
C SER A 401 -15.31 -3.95 -12.32
N GLY A 402 -14.11 -3.84 -11.75
CA GLY A 402 -13.09 -2.86 -12.18
C GLY A 402 -12.66 -1.99 -11.02
N ASP A 403 -11.97 -0.89 -11.31
CA ASP A 403 -11.50 0.05 -10.28
C ASP A 403 -11.93 1.44 -10.64
N PHE A 404 -11.55 2.37 -9.79
CA PHE A 404 -11.91 3.78 -9.92
C PHE A 404 -10.67 4.68 -9.85
N PHE A 405 -9.67 4.30 -10.65
CA PHE A 405 -8.47 5.13 -10.88
C PHE A 405 -8.40 5.41 -12.39
N THR A 406 -7.85 6.56 -12.81
CA THR A 406 -7.32 7.65 -11.99
C THR A 406 -8.39 8.70 -11.79
N TYR A 407 -8.57 9.13 -10.55
CA TYR A 407 -9.55 10.11 -10.20
C TYR A 407 -9.24 11.52 -10.73
N ALA A 408 -10.28 12.20 -11.21
CA ALA A 408 -10.21 13.65 -11.47
C ALA A 408 -11.45 14.24 -10.83
N ASP A 409 -11.27 15.33 -10.06
CA ASP A 409 -12.41 15.98 -9.42
C ASP A 409 -12.99 17.10 -10.32
N ARG A 410 -12.23 17.58 -11.32
CA ARG A 410 -12.74 18.64 -12.23
C ARG A 410 -11.74 18.76 -13.37
N SER A 411 -12.27 19.23 -14.51
CA SER A 411 -11.53 19.47 -15.73
C SER A 411 -10.47 18.44 -16.01
N ASP A 412 -9.21 18.86 -16.17
CA ASP A 412 -8.12 17.89 -16.47
C ASP A 412 -7.25 17.64 -15.21
N ASN A 413 -7.80 17.95 -14.05
CA ASN A 413 -7.06 17.81 -12.77
C ASN A 413 -7.14 16.36 -12.26
N TYR A 414 -6.29 15.53 -12.80
CA TYR A 414 -6.15 14.10 -12.43
C TYR A 414 -5.13 13.96 -11.29
N TRP A 415 -5.56 13.17 -10.30
CA TRP A 415 -4.80 13.03 -9.07
C TRP A 415 -3.81 11.89 -9.21
N SER A 416 -2.90 11.94 -10.18
CA SER A 416 -1.88 10.92 -10.32
C SER A 416 -0.53 11.35 -9.69
N GLY A 417 -0.41 12.59 -9.23
CA GLY A 417 0.84 13.01 -8.59
C GLY A 417 1.12 12.24 -7.30
N TYR A 418 0.09 11.98 -6.50
CA TYR A 418 0.31 11.34 -5.19
C TYR A 418 0.69 9.84 -5.33
N TYR A 419 0.67 9.28 -6.55
CA TYR A 419 1.19 7.94 -6.74
C TYR A 419 2.73 7.94 -6.53
N THR A 420 3.35 9.14 -6.51
CA THR A 420 4.80 9.28 -6.36
C THR A 420 5.24 10.19 -5.23
N SER A 421 4.41 11.18 -4.84
CA SER A 421 4.85 12.17 -3.88
C SER A 421 5.49 11.56 -2.63
N ARG A 422 6.58 12.19 -2.15
CA ARG A 422 7.30 11.72 -0.92
C ARG A 422 7.66 10.23 -1.08
N PRO A 423 8.46 9.90 -2.11
CA PRO A 423 8.80 8.51 -2.36
C PRO A 423 9.66 7.86 -1.31
N TYR A 424 10.43 8.64 -0.53
CA TYR A 424 11.24 8.05 0.54
C TYR A 424 10.31 7.27 1.48
N HIS A 425 9.19 7.90 1.83
CA HIS A 425 8.28 7.27 2.80
C HIS A 425 7.46 6.16 2.19
N LYS A 426 7.16 6.27 0.90
CA LYS A 426 6.51 5.16 0.19
C LYS A 426 7.43 3.94 0.25
N ARG A 427 8.76 4.08 0.05
CA ARG A 427 9.65 2.94 0.14
C ARG A 427 9.71 2.45 1.62
N MET A 428 9.78 3.39 2.57
CA MET A 428 9.83 3.01 3.99
C MET A 428 8.61 2.15 4.36
N ASP A 429 7.43 2.46 3.83
CA ASP A 429 6.23 1.70 4.07
C ASP A 429 6.46 0.21 3.78
N ARG A 430 7.07 -0.09 2.62
CA ARG A 430 7.28 -1.47 2.24
C ARG A 430 8.31 -2.16 3.13
N VAL A 431 9.33 -1.42 3.54
CA VAL A 431 10.33 -1.99 4.48
C VAL A 431 9.63 -2.34 5.78
N LEU A 432 8.91 -1.39 6.35
CA LEU A 432 8.22 -1.66 7.63
C LEU A 432 7.16 -2.75 7.48
N MET A 433 6.48 -2.80 6.33
CA MET A 433 5.53 -3.87 6.09
C MET A 433 6.16 -5.25 6.38
N HIS A 434 7.33 -5.45 5.78
CA HIS A 434 8.04 -6.72 5.91
C HIS A 434 8.56 -6.91 7.34
N TYR A 435 9.13 -5.87 7.97
CA TYR A 435 9.63 -5.99 9.35
C TYR A 435 8.51 -6.34 10.32
N VAL A 436 7.29 -5.81 10.12
CA VAL A 436 6.19 -6.17 11.01
C VAL A 436 5.85 -7.65 10.81
N ARG A 437 5.73 -8.10 9.55
CA ARG A 437 5.42 -9.48 9.28
C ARG A 437 6.48 -10.38 9.95
N ALA A 438 7.77 -10.06 9.72
CA ALA A 438 8.85 -10.92 10.23
C ALA A 438 8.88 -10.92 11.77
N ALA A 439 8.67 -9.76 12.41
CA ALA A 439 8.67 -9.72 13.86
C ALA A 439 7.49 -10.50 14.45
N GLU A 440 6.30 -10.37 13.87
CA GLU A 440 5.16 -11.11 14.38
C GLU A 440 5.35 -12.60 14.15
N MET A 441 5.89 -13.00 13.00
CA MET A 441 6.09 -14.42 12.72
C MET A 441 7.20 -15.02 13.63
N LEU A 442 8.35 -14.39 13.72
CA LEU A 442 9.46 -14.95 14.52
C LEU A 442 9.07 -15.08 15.97
N SER A 443 8.32 -14.11 16.52
CA SER A 443 7.98 -14.18 17.93
C SER A 443 6.76 -15.04 18.19
N ALA A 444 5.99 -15.41 17.18
CA ALA A 444 4.78 -16.23 17.37
C ALA A 444 5.10 -17.64 17.82
N TRP A 445 6.27 -18.16 17.44
CA TRP A 445 6.63 -19.56 17.76
C TRP A 445 6.62 -19.86 19.26
N HIS A 446 6.86 -18.87 20.09
CA HIS A 446 6.87 -19.12 21.54
C HIS A 446 5.85 -18.17 22.21
N SER A 447 5.50 -18.54 23.44
CA SER A 447 4.79 -17.69 24.37
C SER A 447 5.88 -16.88 25.14
N TRP A 448 5.69 -15.61 25.38
CA TRP A 448 6.69 -14.79 26.04
C TRP A 448 6.21 -14.22 27.34
N ASP A 449 7.11 -14.20 28.32
CA ASP A 449 6.82 -13.57 29.59
C ASP A 449 6.53 -12.07 29.35
N GLY A 450 5.61 -11.47 30.10
CA GLY A 450 5.32 -10.06 29.93
C GLY A 450 6.53 -9.18 30.08
N MET A 451 7.54 -9.59 30.85
CA MET A 451 8.74 -8.78 31.02
C MET A 451 9.55 -8.62 29.75
N ALA A 452 9.30 -9.47 28.76
CA ALA A 452 10.03 -9.40 27.49
C ALA A 452 9.48 -8.26 26.63
N ARG A 453 8.32 -7.71 26.99
CA ARG A 453 7.71 -6.58 26.26
C ARG A 453 7.49 -6.87 24.77
N ILE A 454 7.24 -8.11 24.41
CA ILE A 454 7.05 -8.46 23.01
C ILE A 454 5.73 -7.89 22.51
N GLU A 455 4.64 -8.14 23.21
CA GLU A 455 3.33 -7.65 22.78
C GLU A 455 3.33 -6.14 22.73
N GLU A 456 4.00 -5.47 23.66
CA GLU A 456 4.04 -4.04 23.68
C GLU A 456 4.72 -3.51 22.43
N ARG A 457 5.90 -4.05 22.12
CA ARG A 457 6.62 -3.57 20.92
C ARG A 457 5.90 -3.88 19.63
N LEU A 458 5.28 -5.03 19.55
CA LEU A 458 4.54 -5.37 18.32
C LEU A 458 3.31 -4.48 18.17
N GLU A 459 2.61 -4.18 19.26
CA GLU A 459 1.45 -3.30 19.15
C GLU A 459 1.89 -1.91 18.65
N GLN A 460 2.99 -1.40 19.19
CA GLN A 460 3.49 -0.10 18.72
C GLN A 460 3.80 -0.18 17.22
N ALA A 461 4.53 -1.21 16.79
CA ALA A 461 4.88 -1.31 15.37
C ALA A 461 3.65 -1.41 14.48
N ARG A 462 2.70 -2.25 14.86
CA ARG A 462 1.50 -2.36 14.05
C ARG A 462 0.77 -1.03 13.97
N ARG A 463 0.70 -0.29 15.09
CA ARG A 463 -0.10 0.94 15.08
C ARG A 463 0.59 2.03 14.29
N GLU A 464 1.92 2.15 14.31
CA GLU A 464 2.56 3.19 13.51
C GLU A 464 2.48 2.87 12.06
N LEU A 465 2.66 1.63 11.66
CA LEU A 465 2.51 1.28 10.23
C LEU A 465 1.05 1.49 9.84
N SER A 466 0.10 1.09 10.68
CA SER A 466 -1.32 1.31 10.37
C SER A 466 -1.67 2.78 10.20
N LEU A 467 -1.14 3.65 11.04
CA LEU A 467 -1.39 5.07 10.93
C LEU A 467 -0.94 5.57 9.56
N PHE A 468 0.22 5.10 9.09
CA PHE A 468 0.78 5.59 7.82
C PHE A 468 -0.06 5.19 6.63
N GLN A 469 -0.96 4.20 6.76
CA GLN A 469 -1.82 3.87 5.65
C GLN A 469 -2.86 4.96 5.37
N HIS A 470 -3.00 5.92 6.29
CA HIS A 470 -3.92 7.05 6.09
C HIS A 470 -3.71 7.64 4.71
N HIS A 471 -4.81 8.18 4.15
CA HIS A 471 -4.80 8.82 2.83
C HIS A 471 -4.11 10.17 2.76
N ASP A 472 -3.46 10.63 3.88
CA ASP A 472 -2.49 11.74 3.78
C ASP A 472 -1.13 11.27 4.27
N GLY A 473 -0.93 9.96 4.52
CA GLY A 473 0.33 9.42 5.01
C GLY A 473 1.13 8.92 3.83
N ILE A 474 0.89 7.63 3.48
CA ILE A 474 1.62 7.01 2.36
C ILE A 474 1.47 7.78 1.06
N THR A 475 0.36 8.52 0.90
CA THR A 475 0.12 9.31 -0.31
C THR A 475 1.10 10.48 -0.48
N GLY A 476 1.82 10.90 0.57
CA GLY A 476 2.70 12.04 0.39
C GLY A 476 1.97 13.36 0.24
N THR A 477 0.80 13.49 0.85
CA THR A 477 0.02 14.72 0.73
C THR A 477 -0.10 15.49 2.04
N ALA A 478 0.83 15.29 3.00
CA ALA A 478 0.77 16.04 4.28
C ALA A 478 1.82 17.13 4.30
N LYS A 479 1.65 18.06 5.25
CA LYS A 479 2.64 19.13 5.39
C LYS A 479 3.97 18.53 5.81
N THR A 480 5.05 19.29 5.55
CA THR A 480 6.40 18.84 5.86
C THR A 480 6.57 18.31 7.27
N HIS A 481 6.12 19.05 8.30
CA HIS A 481 6.34 18.58 9.67
C HIS A 481 5.52 17.37 9.98
N VAL A 482 4.43 17.13 9.27
CA VAL A 482 3.60 15.93 9.48
C VAL A 482 4.31 14.72 8.87
N VAL A 483 4.88 14.88 7.68
CA VAL A 483 5.67 13.82 7.09
C VAL A 483 6.78 13.43 8.03
N VAL A 484 7.42 14.42 8.67
CA VAL A 484 8.49 14.12 9.65
C VAL A 484 7.91 13.32 10.82
N ASP A 485 6.74 13.67 11.31
CA ASP A 485 6.16 12.89 12.39
C ASP A 485 5.91 11.44 11.97
N TYR A 486 5.36 11.22 10.77
CA TYR A 486 5.15 9.84 10.29
C TYR A 486 6.48 9.09 10.19
N GLU A 487 7.50 9.74 9.69
CA GLU A 487 8.79 9.11 9.57
C GLU A 487 9.34 8.72 10.95
N GLN A 488 9.25 9.61 11.94
CA GLN A 488 9.74 9.30 13.28
C GLN A 488 8.97 8.15 13.87
N ARG A 489 7.66 8.12 13.69
CA ARG A 489 6.85 7.01 14.17
C ARG A 489 7.30 5.70 13.54
N MET A 490 7.51 5.72 12.22
CA MET A 490 7.95 4.51 11.52
C MET A 490 9.35 4.08 11.92
N GLN A 491 10.24 5.03 12.21
CA GLN A 491 11.60 4.65 12.69
C GLN A 491 11.48 3.95 14.03
N GLU A 492 10.64 4.45 14.92
CA GLU A 492 10.46 3.78 16.20
C GLU A 492 9.89 2.38 15.97
N ALA A 493 8.94 2.25 15.04
CA ALA A 493 8.35 0.94 14.76
C ALA A 493 9.42 0.00 14.22
N LEU A 494 10.30 0.46 13.33
CA LEU A 494 11.39 -0.42 12.83
C LEU A 494 12.27 -0.92 13.98
N LYS A 495 12.59 0.00 14.90
CA LYS A 495 13.41 -0.41 16.06
C LYS A 495 12.68 -1.42 16.92
N ALA A 496 11.38 -1.27 17.10
CA ALA A 496 10.63 -2.21 17.87
C ALA A 496 10.67 -3.59 17.20
N CYS A 497 10.49 -3.64 15.87
CA CYS A 497 10.53 -4.90 15.14
C CYS A 497 11.90 -5.54 15.27
N GLN A 498 12.95 -4.75 15.15
CA GLN A 498 14.30 -5.31 15.29
C GLN A 498 14.47 -5.96 16.64
N MET A 499 14.04 -5.28 17.71
CA MET A 499 14.18 -5.82 19.05
C MET A 499 13.49 -7.16 19.18
N VAL A 500 12.23 -7.23 18.71
CA VAL A 500 11.48 -8.47 18.81
C VAL A 500 12.12 -9.56 17.97
N MET A 501 12.51 -9.23 16.74
CA MET A 501 13.13 -10.21 15.84
C MET A 501 14.39 -10.80 16.47
N GLN A 502 15.28 -9.95 16.96
CA GLN A 502 16.57 -10.49 17.46
C GLN A 502 16.40 -11.27 18.76
N GLN A 503 15.49 -10.85 19.64
CA GLN A 503 15.23 -11.70 20.84
C GLN A 503 14.71 -13.05 20.40
N SER A 504 13.85 -13.08 19.37
CA SER A 504 13.27 -14.34 18.90
C SER A 504 14.32 -15.24 18.27
N VAL A 505 15.20 -14.71 17.44
CA VAL A 505 16.27 -15.53 16.84
C VAL A 505 17.15 -16.14 17.96
N TYR A 506 17.52 -15.34 18.93
CA TYR A 506 18.34 -15.89 19.95
C TYR A 506 17.62 -17.07 20.63
N ARG A 507 16.31 -16.93 20.94
CA ARG A 507 15.58 -18.04 21.61
C ARG A 507 15.44 -19.24 20.71
N LEU A 508 15.22 -19.03 19.42
CA LEU A 508 14.97 -20.15 18.52
C LEU A 508 16.21 -20.95 18.20
N LEU A 509 17.39 -20.36 18.35
CA LEU A 509 18.66 -20.97 17.96
C LEU A 509 19.63 -21.17 19.11
N THR A 510 19.18 -21.14 20.35
CA THR A 510 20.09 -21.43 21.47
C THR A 510 19.54 -22.65 22.23
N LYS A 511 20.46 -23.54 22.64
CA LYS A 511 20.08 -24.75 23.41
C LYS A 511 19.25 -24.29 24.54
N PRO A 512 18.06 -24.91 24.73
CA PRO A 512 17.20 -24.43 25.80
C PRO A 512 17.70 -24.30 27.23
N SER A 513 18.52 -25.27 27.63
CA SER A 513 19.06 -25.27 29.01
C SER A 513 20.19 -24.29 29.19
N ILE A 514 20.59 -23.62 28.13
CA ILE A 514 21.67 -22.60 28.13
C ILE A 514 21.04 -21.20 27.97
N TYR A 515 19.91 -21.11 27.24
CA TYR A 515 19.24 -19.82 26.96
C TYR A 515 19.03 -19.03 28.24
N SER A 516 19.57 -17.81 28.29
CA SER A 516 19.48 -16.97 29.50
C SER A 516 19.26 -15.53 29.02
N PRO A 517 18.03 -15.21 28.65
CA PRO A 517 17.78 -13.88 28.12
C PRO A 517 17.75 -12.66 28.98
N ASP A 518 18.34 -11.59 28.48
CA ASP A 518 18.23 -10.26 29.10
C ASP A 518 17.35 -9.59 28.00
N PHE A 519 16.11 -9.30 28.35
CA PHE A 519 15.13 -8.78 27.38
C PHE A 519 15.42 -7.38 26.91
N SER A 520 16.42 -6.72 27.50
CA SER A 520 16.81 -5.38 27.03
C SER A 520 18.09 -5.44 26.19
N PHE A 521 18.69 -6.63 26.08
CA PHE A 521 19.99 -6.76 25.38
C PHE A 521 19.86 -7.03 23.88
N SER A 522 20.82 -6.56 23.10
CA SER A 522 20.86 -6.76 21.68
C SER A 522 21.81 -7.95 21.37
N TYR A 523 21.24 -9.14 21.24
CA TYR A 523 22.02 -10.35 20.86
C TYR A 523 22.42 -10.32 19.42
N PHE A 524 21.60 -9.69 18.55
CA PHE A 524 21.91 -9.55 17.14
C PHE A 524 21.54 -8.16 16.70
N THR A 525 22.25 -7.71 15.68
CA THR A 525 22.00 -6.44 14.97
C THR A 525 21.43 -6.85 13.59
N LEU A 526 20.35 -6.23 13.12
CA LEU A 526 19.89 -6.52 11.77
C LEU A 526 20.82 -5.82 10.78
N ASP A 527 21.02 -6.43 9.64
CA ASP A 527 21.81 -5.85 8.59
C ASP A 527 20.89 -5.79 7.39
N ASP A 528 20.61 -4.61 6.90
CA ASP A 528 19.71 -4.45 5.73
C ASP A 528 20.49 -3.72 4.68
N SER A 529 20.70 -4.39 3.55
CA SER A 529 21.47 -3.79 2.48
C SER A 529 20.72 -2.79 1.63
N ARG A 530 19.39 -2.73 1.75
CA ARG A 530 18.63 -1.84 0.88
C ARG A 530 17.80 -0.84 1.58
N TRP A 531 17.93 -0.69 2.88
CA TRP A 531 17.17 0.38 3.56
C TRP A 531 18.00 0.81 4.77
N PRO A 532 18.26 2.11 4.91
CA PRO A 532 17.88 3.20 4.01
C PRO A 532 18.59 3.11 2.68
N GLY A 533 19.68 2.35 2.63
CA GLY A 533 20.43 2.13 1.39
C GLY A 533 21.75 2.88 1.32
N SER A 534 22.61 2.29 0.50
CA SER A 534 23.96 2.83 0.24
C SER A 534 23.73 4.21 -0.36
N GLY A 535 24.37 5.25 0.18
CA GLY A 535 24.17 6.58 -0.37
C GLY A 535 23.03 7.34 0.27
N VAL A 536 22.27 6.65 1.12
CA VAL A 536 21.17 7.27 1.82
C VAL A 536 21.55 7.44 3.29
N GLU A 537 21.98 6.38 3.97
CA GLU A 537 22.42 6.49 5.38
C GLU A 537 23.56 5.46 5.55
N ASP A 538 24.65 5.82 6.24
CA ASP A 538 25.68 4.76 6.46
C ASP A 538 25.22 4.22 7.81
N SER A 539 24.42 3.16 7.76
CA SER A 539 23.78 2.59 8.94
C SER A 539 24.26 1.18 9.28
N ARG A 540 24.85 0.49 8.30
CA ARG A 540 25.26 -0.90 8.49
C ARG A 540 26.50 -1.07 9.31
N THR A 541 26.48 -2.09 10.13
CA THR A 541 27.67 -2.32 10.91
C THR A 541 28.65 -3.23 10.11
N THR A 542 29.93 -2.93 10.25
CA THR A 542 30.97 -3.76 9.64
C THR A 542 31.28 -4.88 10.64
N ILE A 543 31.39 -6.09 10.14
CA ILE A 543 31.83 -7.21 10.98
C ILE A 543 33.39 -7.09 11.07
N ILE A 544 33.85 -6.80 12.27
CA ILE A 544 35.27 -6.54 12.52
C ILE A 544 35.96 -7.80 13.00
N LEU A 545 36.82 -8.31 12.13
CA LEU A 545 37.56 -9.53 12.40
C LEU A 545 39.05 -9.19 12.35
N GLY A 546 39.87 -9.98 13.03
CA GLY A 546 41.31 -9.72 13.04
C GLY A 546 41.93 -10.69 14.01
N GLU A 547 43.15 -11.06 13.69
CA GLU A 547 43.87 -12.04 14.55
C GLU A 547 44.05 -11.58 15.99
N ASP A 548 44.18 -10.27 16.16
CA ASP A 548 44.36 -9.71 17.49
C ASP A 548 43.08 -9.25 18.12
N ILE A 549 41.92 -9.62 17.57
CA ILE A 549 40.66 -9.19 18.20
C ILE A 549 39.51 -10.25 18.14
N LEU A 550 39.30 -10.87 16.97
CA LEU A 550 38.13 -11.78 16.85
C LEU A 550 38.31 -12.53 15.54
N PRO A 551 38.45 -13.86 15.60
CA PRO A 551 38.65 -14.60 14.36
C PRO A 551 37.43 -14.87 13.48
N SER A 552 36.25 -14.92 14.11
CA SER A 552 35.05 -15.30 13.35
C SER A 552 33.81 -14.68 13.97
N LYS A 553 32.74 -14.77 13.17
CA LYS A 553 31.45 -14.19 13.52
C LYS A 553 30.30 -15.05 12.95
N HIS A 554 29.33 -15.32 13.81
CA HIS A 554 28.09 -15.98 13.38
C HIS A 554 27.08 -14.95 12.83
N VAL A 555 26.43 -15.34 11.74
CA VAL A 555 25.33 -14.57 11.13
C VAL A 555 24.17 -15.55 10.94
N VAL A 556 22.94 -15.02 10.95
CA VAL A 556 21.74 -15.83 10.81
C VAL A 556 20.81 -15.19 9.80
N MET A 557 20.27 -15.99 8.92
CA MET A 557 19.24 -15.52 7.97
C MET A 557 17.89 -16.09 8.35
N HIS A 558 16.84 -15.25 8.21
CA HIS A 558 15.45 -15.67 8.37
C HIS A 558 14.73 -15.58 7.02
N ASN A 559 13.88 -16.58 6.76
CA ASN A 559 13.07 -16.64 5.56
C ASN A 559 11.59 -16.67 5.95
N THR A 560 10.89 -15.55 5.81
CA THR A 560 9.48 -15.52 6.23
C THR A 560 8.55 -16.30 5.29
N LEU A 561 8.99 -16.60 4.07
CA LEU A 561 8.13 -17.32 3.12
C LEU A 561 8.05 -18.80 3.43
N PRO A 562 6.90 -19.44 3.17
CA PRO A 562 6.72 -20.86 3.47
C PRO A 562 7.26 -21.86 2.48
N HIS A 563 8.44 -21.58 1.91
CA HIS A 563 9.09 -22.56 1.04
C HIS A 563 10.59 -22.38 1.23
N TRP A 564 11.37 -23.44 1.01
CA TRP A 564 12.83 -23.32 1.04
C TRP A 564 13.23 -22.24 0.08
N ARG A 565 14.20 -21.42 0.48
CA ARG A 565 14.60 -20.35 -0.41
C ARG A 565 16.10 -20.15 -0.34
N GLU A 566 16.69 -19.94 -1.52
CA GLU A 566 18.09 -19.49 -1.61
C GLU A 566 18.10 -18.03 -2.09
N GLN A 567 19.02 -17.23 -1.54
CA GLN A 567 19.16 -15.84 -1.96
C GLN A 567 20.58 -15.45 -1.64
N LEU A 568 21.20 -14.68 -2.51
CA LEU A 568 22.54 -14.16 -2.11
C LEU A 568 22.34 -13.12 -1.04
N VAL A 569 23.23 -13.11 -0.09
CA VAL A 569 23.23 -12.14 1.00
C VAL A 569 24.63 -11.54 1.08
N ASP A 570 24.70 -10.32 1.59
CA ASP A 570 26.01 -9.68 1.74
C ASP A 570 26.15 -9.06 3.11
C ASP A 570 26.19 -8.91 2.96
N PHE A 571 27.41 -8.94 3.51
CA PHE A 571 27.75 -8.30 4.77
C PHE A 571 29.01 -7.47 4.54
N TYR A 572 29.16 -6.41 5.30
CA TYR A 572 30.40 -5.65 5.29
C TYR A 572 31.35 -6.32 6.30
N VAL A 573 32.62 -6.48 5.90
CA VAL A 573 33.68 -7.10 6.74
C VAL A 573 34.93 -6.25 6.66
N SER A 574 35.73 -6.34 7.72
CA SER A 574 36.94 -5.50 7.80
C SER A 574 38.15 -6.06 7.11
N SER A 575 38.05 -7.17 6.43
CA SER A 575 39.17 -7.77 5.68
C SER A 575 38.63 -8.44 4.44
N PRO A 576 39.40 -8.49 3.36
CA PRO A 576 38.90 -9.19 2.17
C PRO A 576 39.15 -10.72 2.30
N PHE A 577 39.93 -11.16 3.30
CA PHE A 577 40.28 -12.56 3.41
C PHE A 577 39.37 -13.23 4.40
N VAL A 578 38.15 -13.48 3.92
CA VAL A 578 37.10 -14.05 4.75
C VAL A 578 36.45 -15.19 4.02
N SER A 579 36.21 -16.27 4.73
CA SER A 579 35.49 -17.38 4.11
C SER A 579 34.27 -17.73 4.97
N VAL A 580 33.37 -18.45 4.33
CA VAL A 580 32.07 -18.76 4.89
C VAL A 580 31.91 -20.26 5.06
N THR A 581 31.32 -20.66 6.18
CA THR A 581 30.95 -22.07 6.43
C THR A 581 29.51 -22.10 6.99
N ASP A 582 28.86 -23.25 6.86
CA ASP A 582 27.54 -23.45 7.46
C ASP A 582 27.80 -24.03 8.87
N LEU A 583 26.78 -24.26 9.71
CA LEU A 583 27.24 -24.73 11.03
C LEU A 583 27.80 -26.15 11.06
N ALA A 584 27.64 -26.93 9.96
CA ALA A 584 28.28 -28.27 9.92
C ALA A 584 29.69 -28.09 9.42
N ASN A 585 30.13 -26.84 9.32
CA ASN A 585 31.48 -26.54 8.88
C ASN A 585 31.76 -26.86 7.42
N ASN A 586 30.72 -26.96 6.62
CA ASN A 586 30.85 -27.19 5.16
C ASN A 586 31.18 -25.82 4.53
N PRO A 587 32.19 -25.74 3.65
CA PRO A 587 32.52 -24.46 3.02
C PRO A 587 31.37 -24.02 2.14
N VAL A 588 31.21 -22.70 2.03
CA VAL A 588 30.18 -22.11 1.21
C VAL A 588 30.93 -21.15 0.26
N GLU A 589 30.68 -21.23 -1.01
CA GLU A 589 31.37 -20.37 -1.95
C GLU A 589 30.99 -18.92 -1.72
N ALA A 590 31.95 -18.01 -1.80
CA ALA A 590 31.66 -16.61 -1.52
C ALA A 590 32.40 -15.74 -2.50
N GLN A 591 31.99 -14.50 -2.63
CA GLN A 591 32.64 -13.52 -3.48
C GLN A 591 32.86 -12.27 -2.64
N VAL A 592 34.03 -11.64 -2.76
CA VAL A 592 34.28 -10.39 -2.09
C VAL A 592 34.39 -9.30 -3.15
N SER A 593 33.72 -8.19 -2.91
CA SER A 593 33.73 -7.01 -3.79
C SER A 593 34.05 -5.79 -2.93
N PRO A 594 34.46 -4.70 -3.54
CA PRO A 594 34.74 -3.50 -2.74
C PRO A 594 33.46 -2.85 -2.23
N VAL A 595 33.61 -1.88 -1.32
CA VAL A 595 32.48 -1.05 -0.92
C VAL A 595 32.68 0.27 -1.68
N TRP A 596 31.77 0.53 -2.61
CA TRP A 596 31.81 1.70 -3.48
C TRP A 596 30.78 2.72 -3.05
N SER A 597 31.18 3.97 -2.93
CA SER A 597 30.23 5.02 -2.62
C SER A 597 30.36 6.11 -3.68
N TRP A 598 29.25 6.68 -4.06
CA TRP A 598 29.27 7.69 -5.10
C TRP A 598 29.26 9.09 -4.51
N HIS A 599 30.04 9.95 -5.12
CA HIS A 599 30.17 11.27 -4.61
C HIS A 599 30.01 12.30 -5.67
N HIS A 600 29.29 13.35 -5.29
CA HIS A 600 29.10 14.43 -6.22
C HIS A 600 30.23 15.35 -5.85
N ASP A 601 31.24 15.34 -6.71
CA ASP A 601 32.45 16.07 -6.51
C ASP A 601 32.21 17.53 -6.91
N THR A 602 32.06 18.40 -5.91
CA THR A 602 31.81 19.79 -6.21
C THR A 602 33.02 20.55 -6.70
N LEU A 603 34.22 19.94 -6.69
CA LEU A 603 35.41 20.57 -7.23
C LEU A 603 35.57 20.20 -8.72
N THR A 604 35.52 18.91 -9.07
CA THR A 604 35.66 18.49 -10.46
C THR A 604 34.35 18.54 -11.25
N LYS A 605 33.24 18.72 -10.53
CA LYS A 605 31.90 18.77 -11.15
C LYS A 605 31.57 17.47 -11.86
N THR A 606 31.91 16.37 -11.21
CA THR A 606 31.58 15.04 -11.77
C THR A 606 31.03 14.19 -10.62
N ILE A 607 30.31 13.12 -10.97
CA ILE A 607 29.74 12.19 -9.98
C ILE A 607 30.52 10.90 -10.20
N HIS A 608 31.27 10.47 -9.18
CA HIS A 608 32.15 9.32 -9.40
C HIS A 608 32.26 8.50 -8.11
N PRO A 609 32.65 7.24 -8.23
CA PRO A 609 32.75 6.36 -7.08
C PRO A 609 34.10 6.33 -6.40
N GLN A 610 34.03 6.20 -5.08
CA GLN A 610 35.21 6.08 -4.24
C GLN A 610 35.13 4.70 -3.56
N GLY A 611 36.25 3.99 -3.48
CA GLY A 611 36.26 2.68 -2.85
C GLY A 611 36.87 2.72 -1.45
N SER A 612 36.35 1.90 -0.55
CA SER A 612 36.91 1.87 0.81
C SER A 612 38.20 1.06 0.81
N THR A 613 39.18 1.46 1.66
CA THR A 613 40.43 0.71 1.75
C THR A 613 40.48 -0.09 3.06
N THR A 614 39.38 -0.09 3.79
CA THR A 614 39.29 -0.88 5.03
C THR A 614 38.01 -1.70 5.24
N LYS A 615 37.00 -1.60 4.37
CA LYS A 615 35.73 -2.36 4.51
C LYS A 615 35.51 -2.98 3.14
N TYR A 616 34.96 -4.18 3.12
CA TYR A 616 34.70 -4.94 1.91
C TYR A 616 33.35 -5.63 2.04
N ARG A 617 32.77 -6.03 0.91
CA ARG A 617 31.52 -6.77 0.90
C ARG A 617 31.77 -8.22 0.66
N ILE A 618 31.25 -9.10 1.51
CA ILE A 618 31.32 -10.54 1.26
C ILE A 618 29.89 -10.97 0.90
N ILE A 619 29.76 -11.80 -0.13
CA ILE A 619 28.48 -12.20 -0.70
C ILE A 619 28.47 -13.71 -0.82
N PHE A 620 27.41 -14.38 -0.39
CA PHE A 620 27.32 -15.83 -0.54
C PHE A 620 25.83 -16.21 -0.63
N LYS A 621 25.56 -17.43 -1.08
CA LYS A 621 24.21 -17.90 -1.19
C LYS A 621 23.77 -18.53 0.10
N ALA A 622 22.74 -17.95 0.71
CA ALA A 622 22.14 -18.56 1.94
C ALA A 622 20.96 -19.45 1.50
N ARG A 623 20.81 -20.59 2.17
CA ARG A 623 19.70 -21.51 1.89
C ARG A 623 18.97 -21.66 3.20
N VAL A 624 17.67 -21.28 3.20
CA VAL A 624 16.94 -21.15 4.48
C VAL A 624 15.64 -21.92 4.42
N PRO A 625 15.32 -22.62 5.53
CA PRO A 625 14.07 -23.41 5.53
C PRO A 625 12.81 -22.54 5.42
N PRO A 626 11.68 -23.17 5.08
CA PRO A 626 10.39 -22.42 5.03
C PRO A 626 10.15 -21.82 6.43
N MET A 627 9.80 -20.53 6.49
CA MET A 627 9.49 -19.83 7.76
C MET A 627 10.54 -20.16 8.82
N GLY A 628 11.81 -20.16 8.37
CA GLY A 628 12.90 -20.69 9.21
C GLY A 628 14.14 -19.85 9.26
N LEU A 629 15.16 -20.42 9.90
CA LEU A 629 16.45 -19.73 10.15
C LEU A 629 17.61 -20.62 9.77
N ALA A 630 18.69 -20.00 9.31
CA ALA A 630 19.94 -20.76 8.96
C ALA A 630 21.11 -19.94 9.44
N THR A 631 22.04 -20.62 10.10
CA THR A 631 23.26 -19.96 10.68
C THR A 631 24.50 -20.22 9.85
N TYR A 632 25.32 -19.20 9.64
CA TYR A 632 26.61 -19.33 8.92
C TYR A 632 27.67 -18.67 9.76
N VAL A 633 28.94 -18.97 9.44
CA VAL A 633 30.08 -18.41 10.16
C VAL A 633 31.04 -17.79 9.13
N LEU A 634 31.49 -16.58 9.45
CA LEU A 634 32.47 -15.83 8.64
C LEU A 634 33.79 -15.85 9.42
N THR A 635 34.85 -16.34 8.77
CA THR A 635 36.17 -16.50 9.43
C THR A 635 37.28 -15.81 8.65
N ILE A 636 38.11 -15.09 9.37
CA ILE A 636 39.21 -14.39 8.68
C ILE A 636 40.43 -15.33 8.51
N SER A 637 41.21 -15.10 7.46
CA SER A 637 42.48 -15.85 7.28
C SER A 637 43.50 -14.80 6.87
N ASP A 638 44.79 -15.20 6.86
CA ASP A 638 45.86 -14.25 6.52
C ASP A 638 46.02 -14.01 5.03
N SER A 639 45.39 -14.85 4.21
CA SER A 639 45.50 -14.72 2.77
C SER A 639 44.25 -15.25 2.10
N LYS A 640 44.19 -15.15 0.78
CA LYS A 640 43.00 -15.58 0.05
C LYS A 640 42.56 -17.00 0.37
N PRO A 641 41.31 -17.15 0.85
CA PRO A 641 40.67 -18.42 1.21
C PRO A 641 40.37 -19.21 -0.04
N GLU A 642 40.39 -20.52 0.08
CA GLU A 642 40.09 -21.37 -1.04
C GLU A 642 38.73 -21.20 -1.72
N HIS A 643 37.69 -20.96 -0.92
CA HIS A 643 36.33 -20.85 -1.45
C HIS A 643 35.80 -19.45 -1.61
N THR A 644 36.67 -18.45 -1.61
CA THR A 644 36.25 -17.05 -1.79
C THR A 644 36.96 -16.50 -3.03
N SER A 645 36.22 -15.92 -3.95
CA SER A 645 36.76 -15.28 -5.15
C SER A 645 36.62 -13.78 -5.01
N TYR A 646 37.29 -13.02 -5.87
CA TYR A 646 37.28 -11.57 -5.84
C TYR A 646 36.82 -10.99 -7.12
N ALA A 647 35.93 -10.01 -7.07
CA ALA A 647 35.45 -9.39 -8.28
C ALA A 647 36.50 -8.50 -8.95
N SER A 648 36.40 -8.41 -10.25
CA SER A 648 37.24 -7.40 -10.94
C SER A 648 36.41 -6.11 -10.98
N ASN A 649 37.04 -4.97 -11.18
CA ASN A 649 36.37 -3.67 -11.22
C ASN A 649 36.98 -2.84 -12.34
N LEU A 650 36.13 -2.22 -13.11
CA LEU A 650 36.53 -1.43 -14.27
C LEU A 650 35.82 -0.10 -14.23
N LEU A 651 36.55 1.00 -14.14
CA LEU A 651 35.99 2.33 -14.13
C LEU A 651 36.14 2.97 -15.51
N LEU A 652 35.02 3.30 -16.15
CA LEU A 652 35.01 3.84 -17.49
C LEU A 652 34.72 5.31 -17.43
N ARG A 653 35.71 6.09 -17.82
CA ARG A 653 35.61 7.54 -17.83
C ARG A 653 36.87 8.10 -18.47
N LYS A 654 36.77 9.28 -19.03
CA LYS A 654 37.99 9.89 -19.56
C LYS A 654 38.64 10.59 -18.34
N ASN A 655 39.94 10.79 -18.35
CA ASN A 655 40.57 11.48 -17.22
C ASN A 655 40.41 10.77 -15.85
N PRO A 656 40.76 9.48 -15.81
CA PRO A 656 40.67 8.70 -14.58
C PRO A 656 41.84 9.03 -13.67
N THR A 657 41.61 8.81 -12.38
CA THR A 657 42.64 8.92 -11.39
C THR A 657 42.60 7.57 -10.66
N SER A 658 43.66 7.26 -9.95
CA SER A 658 43.79 6.00 -9.24
C SER A 658 42.70 5.77 -8.19
N LEU A 659 42.49 4.47 -7.94
CA LEU A 659 41.46 4.04 -6.97
C LEU A 659 42.03 2.86 -6.17
N PRO A 660 42.84 3.18 -5.14
CA PRO A 660 43.42 2.10 -4.31
C PRO A 660 42.32 1.47 -3.44
N LEU A 661 42.51 0.20 -3.12
CA LEU A 661 41.47 -0.51 -2.33
C LEU A 661 42.07 -1.31 -1.16
N GLY A 662 43.20 -0.86 -0.58
CA GLY A 662 43.79 -1.55 0.58
C GLY A 662 44.24 -2.94 0.24
N GLN A 663 43.77 -3.89 1.09
CA GLN A 663 44.15 -5.28 0.91
C GLN A 663 43.42 -6.02 -0.21
N TYR A 664 42.42 -5.38 -0.81
CA TYR A 664 41.65 -6.04 -1.89
C TYR A 664 42.66 -6.57 -2.89
N PRO A 665 42.61 -7.84 -3.27
CA PRO A 665 43.61 -8.40 -4.20
C PRO A 665 43.66 -8.16 -5.67
N GLU A 666 42.66 -7.49 -6.21
CA GLU A 666 42.60 -7.22 -7.64
C GLU A 666 42.63 -5.73 -7.81
N ASP A 667 43.57 -5.27 -8.65
CA ASP A 667 43.65 -3.82 -8.90
C ASP A 667 42.50 -3.32 -9.84
N VAL A 668 41.96 -2.17 -9.54
CA VAL A 668 40.92 -1.57 -10.39
C VAL A 668 41.52 -1.26 -11.76
N LYS A 669 40.78 -1.51 -12.85
CA LYS A 669 41.19 -1.20 -14.25
C LYS A 669 40.39 0.00 -14.74
N PHE A 670 40.96 0.76 -15.68
CA PHE A 670 40.36 1.96 -16.22
C PHE A 670 40.24 1.89 -17.72
N GLY A 671 39.30 2.64 -18.30
CA GLY A 671 39.18 2.68 -19.76
C GLY A 671 38.27 3.82 -20.14
N ASP A 672 38.30 4.18 -21.40
CA ASP A 672 37.36 5.21 -21.88
C ASP A 672 35.94 4.56 -21.97
N PRO A 673 34.88 5.39 -21.85
CA PRO A 673 33.52 4.84 -21.96
C PRO A 673 33.39 3.97 -23.23
N ARG A 674 32.67 2.89 -23.11
CA ARG A 674 32.46 1.95 -24.22
C ARG A 674 31.26 1.05 -23.89
N GLU A 675 30.68 0.44 -24.90
CA GLU A 675 29.61 -0.53 -24.67
C GLU A 675 30.20 -1.77 -23.98
N ILE A 676 29.38 -2.40 -23.16
CA ILE A 676 29.84 -3.58 -22.51
C ILE A 676 28.72 -4.59 -22.38
N SER A 677 29.12 -5.84 -22.17
CA SER A 677 28.18 -6.93 -22.03
C SER A 677 28.59 -7.80 -20.85
N LEU A 678 27.62 -8.34 -20.12
CA LEU A 678 27.91 -9.15 -18.97
C LEU A 678 26.96 -10.34 -18.90
N ARG A 679 27.41 -11.42 -18.30
CA ARG A 679 26.56 -12.58 -18.09
C ARG A 679 27.02 -13.25 -16.78
N VAL A 680 26.11 -13.45 -15.85
CA VAL A 680 26.40 -14.15 -14.63
C VAL A 680 25.76 -15.56 -14.68
N GLY A 681 26.52 -16.58 -14.29
CA GLY A 681 25.98 -17.95 -14.33
C GLY A 681 25.53 -18.30 -15.75
N ASN A 682 24.36 -18.92 -15.81
CA ASN A 682 23.77 -19.32 -17.11
C ASN A 682 22.56 -18.46 -17.32
N GLY A 683 22.61 -17.31 -16.69
CA GLY A 683 21.49 -16.39 -16.73
C GLY A 683 21.52 -15.61 -18.02
N PRO A 684 20.76 -14.51 -18.11
CA PRO A 684 20.73 -13.70 -19.35
C PRO A 684 22.03 -12.91 -19.57
N THR A 685 22.25 -12.53 -20.82
CA THR A 685 23.42 -11.70 -21.16
C THR A 685 22.86 -10.32 -21.38
N LEU A 686 23.39 -9.33 -20.66
CA LEU A 686 22.88 -7.98 -20.77
C LEU A 686 23.92 -7.10 -21.46
N ALA A 687 23.49 -6.24 -22.37
CA ALA A 687 24.36 -5.30 -23.04
C ALA A 687 23.99 -3.91 -22.59
N PHE A 688 25.01 -3.07 -22.42
CA PHE A 688 24.87 -1.71 -21.94
C PHE A 688 25.48 -0.68 -22.88
N SER A 689 24.90 0.47 -22.98
CA SER A 689 25.45 1.58 -23.76
C SER A 689 26.69 2.13 -23.04
N GLU A 690 27.44 2.99 -23.73
CA GLU A 690 28.60 3.61 -23.12
C GLU A 690 28.21 4.54 -21.97
N GLN A 691 26.92 4.88 -21.87
CA GLN A 691 26.45 5.66 -20.71
C GLN A 691 25.99 4.77 -19.54
N GLY A 692 26.22 3.48 -19.60
CA GLY A 692 25.91 2.60 -18.48
C GLY A 692 24.46 2.18 -18.36
N LEU A 693 23.68 2.33 -19.43
CA LEU A 693 22.24 2.00 -19.43
C LEU A 693 21.98 0.80 -20.29
N LEU A 694 21.12 -0.08 -19.80
CA LEU A 694 20.75 -1.28 -20.52
C LEU A 694 20.27 -0.91 -21.93
N LYS A 695 20.72 -1.76 -22.87
CA LYS A 695 20.26 -1.66 -24.26
C LYS A 695 19.68 -2.97 -24.77
N SER A 696 20.05 -4.13 -24.27
CA SER A 696 19.43 -5.35 -24.75
C SER A 696 19.60 -6.46 -23.74
N ILE A 697 18.74 -7.47 -23.83
CA ILE A 697 18.75 -8.66 -23.02
C ILE A 697 18.71 -9.90 -23.93
N GLN A 698 19.59 -10.86 -23.69
CA GLN A 698 19.63 -12.09 -24.48
C GLN A 698 19.40 -13.18 -23.48
N LEU A 699 18.24 -13.86 -23.57
CA LEU A 699 17.90 -14.84 -22.56
C LEU A 699 18.77 -16.10 -22.44
N THR A 700 19.18 -16.64 -23.60
CA THR A 700 20.02 -17.83 -23.63
C THR A 700 21.14 -17.60 -24.66
N GLN A 701 22.18 -18.45 -24.64
CA GLN A 701 23.29 -18.23 -25.56
C GLN A 701 22.93 -18.16 -27.05
N ASP A 702 21.88 -18.89 -27.44
CA ASP A 702 21.51 -18.86 -28.83
C ASP A 702 20.46 -17.80 -29.29
N SER A 703 19.70 -17.27 -28.32
CA SER A 703 18.66 -16.29 -28.63
C SER A 703 18.99 -14.84 -29.10
N PRO A 704 17.97 -14.12 -29.57
CA PRO A 704 18.17 -12.75 -30.04
C PRO A 704 18.53 -11.77 -28.89
N HIS A 705 19.25 -10.71 -29.26
CA HIS A 705 19.53 -9.66 -28.29
C HIS A 705 18.32 -8.75 -28.46
N VAL A 706 17.37 -8.91 -27.52
CA VAL A 706 16.10 -8.17 -27.55
C VAL A 706 16.30 -6.74 -27.10
N PRO A 707 15.97 -5.76 -27.90
CA PRO A 707 16.14 -4.36 -27.51
C PRO A 707 15.28 -4.04 -26.28
N VAL A 708 15.95 -3.59 -25.21
CA VAL A 708 15.29 -3.19 -23.94
C VAL A 708 16.19 -2.05 -23.49
N HIS A 709 15.71 -0.83 -23.62
CA HIS A 709 16.55 0.31 -23.30
C HIS A 709 16.02 1.15 -22.13
N PHE A 710 16.87 1.40 -21.14
CA PHE A 710 16.53 2.29 -20.05
C PHE A 710 16.86 3.74 -20.42
N LYS A 711 16.00 4.66 -20.10
CA LYS A 711 16.21 6.05 -20.37
C LYS A 711 15.62 6.90 -19.24
N PHE A 712 16.24 7.99 -18.84
CA PHE A 712 15.71 8.88 -17.84
C PHE A 712 15.25 10.19 -18.51
N LEU A 713 14.07 10.66 -18.16
CA LEU A 713 13.49 11.86 -18.73
C LEU A 713 12.93 12.74 -17.65
N LYS A 714 12.52 13.96 -17.95
CA LYS A 714 11.98 14.85 -16.98
C LYS A 714 10.70 15.50 -17.48
N TYR A 715 9.71 15.62 -16.60
CA TYR A 715 8.52 16.37 -16.87
C TYR A 715 8.65 17.69 -16.13
N GLY A 716 8.04 18.75 -16.67
CA GLY A 716 8.02 20.05 -16.04
C GLY A 716 6.61 20.42 -15.58
N VAL A 717 6.40 21.69 -15.29
CA VAL A 717 5.14 22.24 -14.75
C VAL A 717 4.71 23.36 -15.71
N ARG A 718 3.41 23.59 -15.82
CA ARG A 718 2.86 24.59 -16.75
C ARG A 718 3.11 25.97 -16.27
N SER A 719 3.47 26.84 -17.21
CA SER A 719 3.72 28.24 -16.87
C SER A 719 2.43 29.08 -16.85
N HIS A 720 1.33 28.56 -17.38
CA HIS A 720 0.00 29.19 -17.34
C HIS A 720 -0.98 28.08 -16.93
N GLY A 721 -2.04 28.46 -16.25
CA GLY A 721 -2.98 27.42 -15.87
C GLY A 721 -2.58 26.72 -14.58
N ASP A 722 -3.20 25.58 -14.38
CA ASP A 722 -3.04 24.85 -13.13
C ASP A 722 -1.67 24.21 -12.97
N ARG A 723 -1.14 24.32 -11.76
CA ARG A 723 0.16 23.76 -11.46
C ARG A 723 0.11 22.42 -10.72
N SER A 724 1.05 21.54 -11.10
CA SER A 724 1.24 20.27 -10.39
C SER A 724 1.59 20.57 -8.93
N GLY A 725 1.15 19.66 -8.04
CA GLY A 725 1.47 19.78 -6.61
C GLY A 725 1.49 18.36 -6.04
N ALA A 726 1.37 18.23 -4.72
CA ALA A 726 1.43 16.91 -4.10
C ALA A 726 0.39 15.92 -4.64
N TYR A 727 -0.79 16.43 -5.00
CA TYR A 727 -1.89 15.58 -5.48
C TYR A 727 -1.90 15.42 -6.99
N LEU A 728 -1.83 16.58 -7.68
CA LEU A 728 -2.02 16.62 -9.14
C LEU A 728 -0.76 16.53 -9.97
N PHE A 729 -0.86 15.79 -11.08
CA PHE A 729 0.18 15.73 -12.09
C PHE A 729 -0.38 16.48 -13.33
N LEU A 730 0.23 17.64 -13.61
CA LEU A 730 -0.22 18.53 -14.74
C LEU A 730 1.02 18.85 -15.56
N PRO A 731 1.53 17.85 -16.27
CA PRO A 731 2.75 18.11 -17.03
C PRO A 731 2.61 19.11 -18.14
N ASN A 732 3.73 19.77 -18.44
CA ASN A 732 3.75 20.75 -19.59
C ASN A 732 4.21 19.95 -20.82
N GLY A 733 3.48 18.91 -21.17
CA GLY A 733 3.75 18.09 -22.32
C GLY A 733 4.57 16.82 -22.04
N PRO A 734 4.86 16.01 -23.05
CA PRO A 734 5.65 14.81 -22.87
C PRO A 734 7.02 15.13 -22.30
N ALA A 735 7.58 14.13 -21.62
CA ALA A 735 8.87 14.29 -20.97
C ALA A 735 10.03 14.53 -21.96
N SER A 736 11.04 15.26 -21.47
CA SER A 736 12.24 15.55 -22.25
C SER A 736 13.40 14.74 -21.70
N PRO A 737 14.29 14.23 -22.54
CA PRO A 737 15.41 13.44 -21.99
C PRO A 737 16.32 14.21 -21.04
N VAL A 738 16.76 13.57 -19.97
CA VAL A 738 17.75 14.21 -19.09
C VAL A 738 19.08 14.25 -19.88
N GLU A 739 19.73 15.40 -19.86
CA GLU A 739 21.05 15.53 -20.56
C GLU A 739 22.07 14.80 -19.69
N LEU A 740 22.67 13.77 -20.26
CA LEU A 740 23.59 12.92 -19.48
C LEU A 740 25.05 13.29 -19.42
N GLY A 741 25.52 14.14 -20.33
CA GLY A 741 26.94 14.46 -20.35
C GLY A 741 27.73 13.19 -20.68
N GLN A 742 28.92 13.01 -20.07
CA GLN A 742 29.70 11.78 -20.31
C GLN A 742 29.82 11.22 -18.88
N PRO A 743 28.82 10.46 -18.46
CA PRO A 743 28.86 9.95 -17.08
C PRO A 743 29.90 8.85 -16.81
N VAL A 744 30.29 8.77 -15.55
CA VAL A 744 31.25 7.76 -15.10
C VAL A 744 30.50 6.45 -14.86
N VAL A 745 31.02 5.39 -15.42
CA VAL A 745 30.41 4.06 -15.33
C VAL A 745 31.32 3.09 -14.60
N LEU A 746 30.82 2.36 -13.61
CA LEU A 746 31.62 1.39 -12.88
C LEU A 746 31.08 -0.01 -13.15
N VAL A 747 31.93 -0.92 -13.57
CA VAL A 747 31.56 -2.28 -13.90
C VAL A 747 32.25 -3.19 -12.92
N THR A 748 31.51 -3.98 -12.14
CA THR A 748 32.09 -4.94 -11.25
C THR A 748 31.71 -6.31 -11.76
N LYS A 749 32.67 -7.21 -11.96
CA LYS A 749 32.40 -8.53 -12.52
C LYS A 749 32.83 -9.59 -11.58
N GLY A 750 31.90 -10.42 -11.14
CA GLY A 750 32.21 -11.48 -10.21
C GLY A 750 31.54 -12.78 -10.58
N LYS A 751 31.96 -13.88 -9.94
CA LYS A 751 31.37 -15.17 -10.24
C LYS A 751 29.92 -15.27 -9.76
N LEU A 752 29.63 -14.65 -8.60
CA LEU A 752 28.26 -14.72 -8.01
C LEU A 752 27.42 -13.48 -8.32
N GLU A 753 28.04 -12.31 -8.50
CA GLU A 753 27.30 -11.08 -8.71
C GLU A 753 28.13 -10.10 -9.50
N SER A 754 27.55 -9.52 -10.50
CA SER A 754 28.16 -8.47 -11.33
C SER A 754 27.23 -7.27 -11.38
N SER A 755 27.73 -6.12 -11.76
CA SER A 755 26.87 -4.96 -11.86
CA SER A 755 26.99 -4.90 -11.71
C SER A 755 27.48 -3.88 -12.69
N VAL A 756 26.63 -2.98 -13.16
CA VAL A 756 27.01 -1.81 -13.91
C VAL A 756 26.33 -0.64 -13.19
N SER A 757 27.06 0.36 -12.75
CA SER A 757 26.50 1.51 -12.03
C SER A 757 26.94 2.77 -12.73
N VAL A 758 26.10 3.77 -12.85
CA VAL A 758 26.44 5.02 -13.52
C VAL A 758 25.91 6.19 -12.76
N GLY A 759 26.74 7.23 -12.64
CA GLY A 759 26.36 8.43 -11.91
C GLY A 759 25.71 9.43 -12.86
N LEU A 760 24.40 9.43 -12.98
CA LEU A 760 23.68 10.36 -13.86
C LEU A 760 23.19 11.53 -13.07
N PRO A 761 22.82 12.64 -13.73
CA PRO A 761 22.30 13.77 -12.95
C PRO A 761 21.01 13.28 -12.22
N SER A 762 21.05 13.48 -10.92
CA SER A 762 20.01 13.11 -9.96
C SER A 762 19.80 11.64 -9.69
N VAL A 763 20.52 10.75 -10.34
CA VAL A 763 20.29 9.34 -10.13
C VAL A 763 21.55 8.53 -10.27
N VAL A 764 21.93 7.76 -9.24
CA VAL A 764 22.98 6.75 -9.44
C VAL A 764 22.17 5.47 -9.80
N HIS A 765 22.31 5.04 -11.05
CA HIS A 765 21.52 3.91 -11.60
C HIS A 765 22.36 2.69 -11.63
N GLN A 766 21.87 1.57 -11.12
CA GLN A 766 22.64 0.35 -11.00
C GLN A 766 21.85 -0.84 -11.49
N THR A 767 22.48 -1.66 -12.32
CA THR A 767 21.89 -2.91 -12.82
C THR A 767 22.74 -4.03 -12.21
N ILE A 768 22.17 -4.90 -11.40
CA ILE A 768 22.83 -5.98 -10.69
C ILE A 768 22.39 -7.32 -11.21
N MET A 769 23.33 -8.21 -11.46
CA MET A 769 23.09 -9.52 -12.05
C MET A 769 23.57 -10.58 -11.13
N ARG A 770 22.70 -11.54 -10.85
CA ARG A 770 23.04 -12.65 -10.02
C ARG A 770 22.71 -13.98 -10.65
N GLY A 771 22.40 -13.97 -11.94
CA GLY A 771 22.11 -15.25 -12.55
C GLY A 771 20.72 -15.37 -13.06
N GLY A 772 19.81 -14.50 -12.64
CA GLY A 772 18.42 -14.54 -13.16
C GLY A 772 18.08 -13.12 -13.65
N ALA A 773 16.80 -12.73 -13.55
CA ALA A 773 16.41 -11.39 -13.94
C ALA A 773 17.24 -10.35 -13.15
N PRO A 774 17.69 -9.29 -13.79
CA PRO A 774 18.48 -8.30 -13.04
C PRO A 774 17.66 -7.55 -11.99
N GLU A 775 18.38 -7.01 -11.03
CA GLU A 775 17.84 -6.11 -10.02
C GLU A 775 18.29 -4.74 -10.42
N ILE A 776 17.42 -3.75 -10.42
CA ILE A 776 17.77 -2.36 -10.68
C ILE A 776 17.68 -1.58 -9.38
N ARG A 777 18.64 -0.74 -9.07
CA ARG A 777 18.56 0.17 -7.92
C ARG A 777 18.84 1.55 -8.38
N ASN A 778 18.02 2.52 -8.02
CA ASN A 778 18.26 3.91 -8.32
C ASN A 778 18.38 4.68 -7.03
N LEU A 779 19.54 5.34 -6.84
CA LEU A 779 19.67 6.27 -5.68
C LEU A 779 19.29 7.62 -6.24
N VAL A 780 18.08 8.05 -5.92
CA VAL A 780 17.50 9.25 -6.50
C VAL A 780 17.62 10.46 -5.59
N ASP A 781 18.31 11.49 -6.07
CA ASP A 781 18.46 12.73 -5.33
C ASP A 781 18.17 13.89 -6.24
N ILE A 782 16.92 14.30 -6.29
CA ILE A 782 16.47 15.38 -7.18
C ILE A 782 17.05 16.71 -6.80
N GLY A 783 17.69 16.79 -5.63
CA GLY A 783 18.46 18.01 -5.29
C GLY A 783 17.59 19.23 -5.23
N SER A 784 18.04 20.29 -5.88
CA SER A 784 17.26 21.53 -5.87
C SER A 784 16.57 21.77 -7.22
N LEU A 785 16.34 20.72 -8.01
CA LEU A 785 15.65 20.88 -9.30
C LEU A 785 14.13 21.18 -9.13
N ASP A 786 13.78 22.45 -8.98
CA ASP A 786 12.38 22.78 -8.77
C ASP A 786 11.56 22.50 -10.06
N ASN A 787 10.32 22.20 -9.77
CA ASN A 787 9.32 21.95 -10.80
C ASN A 787 9.76 20.92 -11.80
N THR A 788 10.26 19.80 -11.28
CA THR A 788 10.74 18.71 -12.11
C THR A 788 10.23 17.35 -11.58
N GLU A 789 9.86 16.47 -12.48
CA GLU A 789 9.51 15.09 -12.11
C GLU A 789 10.44 14.21 -12.94
N ILE A 790 11.22 13.33 -12.31
CA ILE A 790 12.14 12.48 -13.02
C ILE A 790 11.49 11.13 -13.24
N VAL A 791 11.46 10.66 -14.49
CA VAL A 791 10.86 9.40 -14.86
C VAL A 791 11.87 8.45 -15.41
N MET A 792 11.75 7.17 -15.10
CA MET A 792 12.56 6.11 -15.67
C MET A 792 11.68 5.38 -16.68
N ARG A 793 12.12 5.31 -17.95
CA ARG A 793 11.37 4.69 -19.02
C ARG A 793 12.14 3.53 -19.59
N LEU A 794 11.40 2.49 -19.97
CA LEU A 794 11.91 1.34 -20.72
C LEU A 794 11.31 1.39 -22.13
N GLU A 795 12.17 1.32 -23.15
CA GLU A 795 11.74 1.33 -24.57
C GLU A 795 12.04 -0.03 -25.14
N THR A 796 11.02 -0.67 -25.70
CA THR A 796 11.20 -1.93 -26.30
C THR A 796 10.43 -1.91 -27.67
N HIS A 797 10.52 -2.99 -28.38
CA HIS A 797 9.75 -3.02 -29.63
CA HIS A 797 9.86 -3.42 -29.59
C HIS A 797 8.58 -4.04 -29.48
N ILE A 798 8.25 -4.47 -28.23
CA ILE A 798 7.07 -5.32 -27.93
C ILE A 798 5.85 -4.58 -28.49
N ASP A 799 5.03 -5.36 -29.26
CA ASP A 799 3.85 -4.80 -29.90
C ASP A 799 2.63 -4.81 -28.97
N SER A 800 2.74 -4.02 -27.90
CA SER A 800 1.70 -3.94 -26.91
C SER A 800 0.54 -3.05 -27.32
N GLY A 801 0.73 -2.14 -28.27
CA GLY A 801 -0.35 -1.29 -28.71
C GLY A 801 -0.72 -0.31 -27.64
N ASP A 802 -1.97 -0.36 -27.19
CA ASP A 802 -2.42 0.53 -26.14
C ASP A 802 -2.72 -0.18 -24.85
N ILE A 803 -2.27 -1.40 -24.70
CA ILE A 803 -2.55 -2.19 -23.50
C ILE A 803 -1.35 -2.31 -22.61
N PHE A 804 -1.59 -2.23 -21.28
CA PHE A 804 -0.54 -2.50 -20.29
C PHE A 804 -1.24 -3.00 -19.04
N TYR A 805 -0.48 -3.51 -18.09
CA TYR A 805 -1.05 -4.05 -16.85
C TYR A 805 -0.34 -3.45 -15.68
N THR A 806 -1.12 -3.11 -14.64
CA THR A 806 -0.55 -2.57 -13.39
C THR A 806 -1.24 -3.32 -12.24
N ASP A 807 -0.62 -3.37 -11.08
CA ASP A 807 -1.26 -4.04 -9.97
C ASP A 807 -2.08 -3.12 -9.10
N LEU A 808 -2.95 -3.75 -8.32
CA LEU A 808 -3.78 -3.06 -7.31
C LEU A 808 -3.36 -3.62 -5.97
N ASN A 809 -2.73 -2.78 -5.16
CA ASN A 809 -2.37 -3.10 -3.76
C ASN A 809 -1.54 -4.36 -3.61
N GLY A 810 -0.73 -4.72 -4.62
CA GLY A 810 0.09 -5.94 -4.48
C GLY A 810 -0.75 -7.20 -4.50
N LEU A 811 -2.02 -7.12 -4.86
CA LEU A 811 -2.93 -8.27 -4.81
C LEU A 811 -3.31 -8.87 -6.17
N GLN A 812 -3.44 -8.03 -7.17
CA GLN A 812 -3.98 -8.49 -8.46
C GLN A 812 -3.47 -7.56 -9.52
N PHE A 813 -3.42 -8.04 -10.76
CA PHE A 813 -3.03 -7.23 -11.92
C PHE A 813 -4.24 -6.93 -12.75
N ILE A 814 -4.43 -5.69 -13.10
CA ILE A 814 -5.58 -5.25 -13.87
C ILE A 814 -5.13 -4.72 -15.22
N LYS A 815 -5.92 -5.03 -16.26
CA LYS A 815 -5.63 -4.53 -17.61
C LYS A 815 -5.98 -3.05 -17.71
N ARG A 816 -5.03 -2.29 -18.24
CA ARG A 816 -5.19 -0.89 -18.54
C ARG A 816 -5.18 -0.67 -20.05
N ARG A 817 -5.92 0.33 -20.48
CA ARG A 817 -5.87 0.71 -21.90
C ARG A 817 -5.54 2.18 -21.93
N ARG A 818 -4.41 2.52 -22.58
CA ARG A 818 -4.06 3.93 -22.77
C ARG A 818 -5.13 4.59 -23.64
N LEU A 819 -5.62 5.75 -23.26
CA LEU A 819 -6.70 6.45 -24.00
C LEU A 819 -6.19 7.81 -24.43
N ASP A 820 -6.02 7.93 -25.76
CA ASP A 820 -5.52 9.21 -26.28
C ASP A 820 -6.59 10.31 -26.19
N LYS A 821 -7.85 9.93 -25.89
CA LYS A 821 -8.90 10.93 -25.71
C LYS A 821 -8.77 11.58 -24.33
N LEU A 822 -7.89 11.04 -23.46
CA LEU A 822 -7.64 11.63 -22.11
C LEU A 822 -6.23 12.20 -22.13
N PRO A 823 -5.98 13.20 -21.27
CA PRO A 823 -4.63 13.79 -21.23
C PRO A 823 -3.59 12.82 -20.63
N LEU A 824 -2.31 13.09 -20.83
CA LEU A 824 -1.24 12.25 -20.38
C LEU A 824 -1.40 11.80 -18.89
N GLN A 825 -1.67 12.75 -18.03
CA GLN A 825 -1.74 12.45 -16.57
C GLN A 825 -2.87 11.50 -16.23
N ALA A 826 -3.93 11.39 -17.07
CA ALA A 826 -5.04 10.47 -16.83
C ALA A 826 -4.62 9.06 -17.14
N ASN A 827 -3.55 8.89 -17.94
CA ASN A 827 -3.03 7.57 -18.31
C ASN A 827 -1.98 7.01 -17.33
N TYR A 828 -1.69 7.81 -16.33
CA TYR A 828 -0.85 7.35 -15.20
C TYR A 828 -1.73 6.64 -14.19
N TYR A 829 -1.21 5.52 -13.66
CA TYR A 829 -1.89 4.67 -12.69
C TYR A 829 -0.91 4.32 -11.57
N PRO A 830 -1.47 3.89 -10.41
CA PRO A 830 -0.58 3.50 -9.32
C PRO A 830 0.20 2.25 -9.79
N ILE A 831 1.46 2.17 -9.39
CA ILE A 831 2.29 0.96 -9.61
C ILE A 831 2.69 0.54 -8.18
N PRO A 832 1.75 -0.06 -7.43
CA PRO A 832 2.12 -0.42 -6.05
C PRO A 832 3.14 -1.51 -5.95
N SER A 833 3.21 -2.42 -6.91
CA SER A 833 4.22 -3.48 -6.87
C SER A 833 4.69 -3.96 -8.24
N GLY A 834 4.00 -3.65 -9.33
CA GLY A 834 4.51 -4.10 -10.62
C GLY A 834 3.65 -3.68 -11.78
N MET A 835 4.26 -3.82 -12.97
CA MET A 835 3.58 -3.47 -14.21
C MET A 835 4.20 -4.29 -15.32
N PHE A 836 3.40 -4.50 -16.40
CA PHE A 836 3.97 -5.24 -17.56
C PHE A 836 3.27 -4.88 -18.82
N ILE A 837 4.01 -5.12 -19.91
CA ILE A 837 3.47 -5.03 -21.29
C ILE A 837 3.81 -6.35 -21.96
N GLU A 838 2.95 -6.71 -22.94
CA GLU A 838 3.20 -7.95 -23.69
C GLU A 838 2.54 -7.93 -25.05
N ASP A 839 3.09 -8.80 -25.92
CA ASP A 839 2.41 -9.09 -27.20
C ASP A 839 2.22 -10.59 -27.23
N ALA A 840 1.97 -11.16 -28.44
CA ALA A 840 1.75 -12.57 -28.49
C ALA A 840 2.90 -13.44 -27.99
N ASN A 841 4.12 -12.93 -28.14
CA ASN A 841 5.30 -13.71 -27.83
C ASN A 841 6.17 -13.33 -26.66
N THR A 842 6.18 -12.03 -26.37
CA THR A 842 7.12 -11.47 -25.39
C THR A 842 6.43 -10.59 -24.36
N ARG A 843 6.97 -10.70 -23.14
CA ARG A 843 6.47 -9.85 -22.03
C ARG A 843 7.68 -9.23 -21.32
N LEU A 844 7.49 -7.98 -20.89
CA LEU A 844 8.49 -7.32 -20.02
C LEU A 844 7.71 -6.89 -18.74
N THR A 845 8.18 -7.38 -17.60
CA THR A 845 7.55 -7.04 -16.31
C THR A 845 8.60 -6.30 -15.45
N LEU A 846 8.18 -5.19 -14.88
CA LEU A 846 8.99 -4.42 -13.92
C LEU A 846 8.32 -4.56 -12.56
N LEU A 847 9.00 -5.20 -11.61
CA LEU A 847 8.50 -5.34 -10.21
C LEU A 847 9.17 -4.25 -9.40
N THR A 848 8.42 -3.71 -8.43
CA THR A 848 8.93 -2.60 -7.59
C THR A 848 8.95 -2.92 -6.09
N GLY A 849 9.90 -2.31 -5.42
CA GLY A 849 9.98 -2.41 -3.99
C GLY A 849 9.33 -1.24 -3.26
N GLN A 850 8.59 -0.42 -3.99
CA GLN A 850 7.91 0.76 -3.44
C GLN A 850 6.83 1.18 -4.40
N PRO A 851 5.74 1.78 -3.93
CA PRO A 851 4.67 2.25 -4.83
C PRO A 851 5.10 3.55 -5.46
N LEU A 852 4.91 3.64 -6.79
CA LEU A 852 5.23 4.87 -7.58
C LEU A 852 4.20 4.99 -8.69
N GLY A 853 4.13 6.10 -9.37
CA GLY A 853 3.20 6.26 -10.50
C GLY A 853 3.80 5.84 -11.81
N GLY A 854 3.00 5.32 -12.74
CA GLY A 854 3.58 4.94 -14.01
C GLY A 854 2.54 4.74 -15.09
N SER A 855 3.05 4.40 -16.29
CA SER A 855 2.18 4.23 -17.46
C SER A 855 2.94 3.52 -18.55
N SER A 856 2.20 3.37 -19.67
CA SER A 856 2.79 2.94 -20.96
C SER A 856 2.22 3.95 -21.94
N LEU A 857 2.99 5.01 -22.29
CA LEU A 857 2.47 6.07 -23.13
C LEU A 857 2.58 5.81 -24.63
N ALA A 858 3.22 4.73 -24.98
CA ALA A 858 3.34 4.31 -26.38
C ALA A 858 3.60 2.87 -26.40
N SER A 859 3.22 2.19 -27.50
CA SER A 859 3.45 0.80 -27.66
C SER A 859 4.89 0.45 -27.39
N GLY A 860 5.12 -0.60 -26.66
CA GLY A 860 6.46 -1.05 -26.33
C GLY A 860 7.11 -0.34 -25.15
N GLU A 861 6.47 0.65 -24.54
CA GLU A 861 7.09 1.35 -23.42
C GLU A 861 6.49 1.04 -22.05
N LEU A 862 7.34 1.19 -21.04
CA LEU A 862 6.86 1.20 -19.62
C LEU A 862 7.56 2.44 -19.03
N GLU A 863 6.93 3.16 -18.12
CA GLU A 863 7.66 4.20 -17.43
C GLU A 863 7.13 4.30 -16.00
N ILE A 864 8.02 4.74 -15.13
CA ILE A 864 7.66 4.85 -13.68
C ILE A 864 8.38 6.06 -13.09
N MET A 865 7.62 6.90 -12.41
CA MET A 865 8.16 8.13 -11.85
C MET A 865 9.04 7.80 -10.63
N GLN A 866 10.16 8.53 -10.53
CA GLN A 866 11.13 8.30 -9.44
C GLN A 866 10.98 9.29 -8.29
N ASP A 867 10.84 10.58 -8.63
CA ASP A 867 10.59 11.62 -7.60
C ASP A 867 10.06 12.85 -8.29
N ARG A 868 9.53 13.77 -7.51
CA ARG A 868 8.96 14.98 -8.06
C ARG A 868 9.17 16.09 -7.03
N ARG A 869 9.58 17.28 -7.52
CA ARG A 869 9.88 18.44 -6.64
C ARG A 869 9.09 19.58 -7.25
N LEU A 870 8.11 20.08 -6.51
CA LEU A 870 7.13 21.08 -7.00
C LEU A 870 7.05 22.27 -6.09
N ALA A 871 7.21 23.45 -6.69
CA ALA A 871 7.23 24.67 -5.88
C ALA A 871 5.86 25.17 -5.47
N SER A 872 4.85 24.78 -6.22
CA SER A 872 3.52 25.32 -5.98
C SER A 872 2.54 24.42 -5.32
N ASP A 873 1.60 25.02 -4.60
CA ASP A 873 0.46 24.32 -4.01
C ASP A 873 -0.54 24.07 -5.17
N ASP A 874 -1.28 22.96 -5.09
CA ASP A 874 -2.25 22.57 -6.14
C ASP A 874 -3.69 22.70 -5.71
N GLU A 875 -3.95 23.59 -4.77
CA GLU A 875 -5.33 24.00 -4.45
C GLU A 875 -6.26 22.97 -3.94
N ARG A 876 -5.72 21.99 -3.19
CA ARG A 876 -6.55 20.92 -2.58
C ARG A 876 -6.45 20.96 -1.05
N GLY A 877 -5.95 22.07 -0.52
CA GLY A 877 -5.91 22.24 0.93
C GLY A 877 -4.60 22.07 1.67
N LEU A 878 -3.60 21.53 0.97
CA LEU A 878 -2.33 21.31 1.66
C LEU A 878 -1.58 22.58 1.98
N GLY A 879 -1.67 23.58 1.08
CA GLY A 879 -1.04 24.87 1.37
C GLY A 879 0.48 24.89 1.26
N GLN A 880 1.05 24.00 0.49
CA GLN A 880 2.49 24.03 0.22
C GLN A 880 2.78 23.15 -0.99
N GLY A 881 3.97 23.34 -1.57
CA GLY A 881 4.46 22.45 -2.62
C GLY A 881 5.13 21.23 -1.97
N VAL A 882 5.96 20.59 -2.80
CA VAL A 882 6.75 19.44 -2.37
C VAL A 882 8.20 19.80 -2.60
N LEU A 883 8.82 20.28 -1.51
CA LEU A 883 10.23 20.76 -1.59
C LEU A 883 11.07 20.12 -0.51
N ASP A 884 10.61 19.03 0.06
CA ASP A 884 11.30 18.31 1.15
C ASP A 884 11.91 16.99 0.71
N ASN A 885 12.24 16.88 -0.56
CA ASN A 885 12.83 15.68 -1.11
C ASN A 885 14.07 15.31 -0.39
N LYS A 886 14.35 14.02 -0.34
CA LYS A 886 15.60 13.53 0.24
C LYS A 886 16.01 12.28 -0.54
N PRO A 887 17.28 11.92 -0.54
CA PRO A 887 17.75 10.75 -1.27
C PRO A 887 16.98 9.52 -0.90
N VAL A 888 16.61 8.73 -1.90
CA VAL A 888 15.88 7.48 -1.68
C VAL A 888 16.45 6.44 -2.61
N LEU A 889 16.57 5.22 -2.11
CA LEU A 889 17.01 4.09 -2.92
C LEU A 889 15.81 3.24 -3.39
N HIS A 890 15.41 3.43 -4.63
CA HIS A 890 14.34 2.66 -5.24
C HIS A 890 14.89 1.34 -5.75
N ILE A 891 14.13 0.24 -5.59
CA ILE A 891 14.61 -1.06 -6.04
C ILE A 891 13.56 -1.73 -6.96
N TYR A 892 14.04 -2.54 -7.89
CA TYR A 892 13.22 -3.18 -8.89
C TYR A 892 13.81 -4.49 -9.33
N ARG A 893 12.97 -5.32 -9.97
CA ARG A 893 13.48 -6.48 -10.73
C ARG A 893 12.88 -6.30 -12.14
N LEU A 894 13.69 -6.67 -13.17
CA LEU A 894 13.27 -6.48 -14.59
C LEU A 894 13.26 -7.85 -15.26
N VAL A 895 12.08 -8.39 -15.59
CA VAL A 895 11.92 -9.74 -16.11
C VAL A 895 11.41 -9.71 -17.54
N LEU A 896 12.28 -10.12 -18.47
CA LEU A 896 11.92 -10.27 -19.90
C LEU A 896 11.68 -11.76 -20.07
N GLU A 897 10.52 -12.13 -20.67
CA GLU A 897 10.20 -13.56 -20.83
C GLU A 897 9.46 -13.80 -22.12
N LYS A 898 9.58 -15.05 -22.60
CA LYS A 898 8.77 -15.53 -23.73
C LYS A 898 7.44 -16.02 -23.12
N VAL A 899 6.34 -15.58 -23.69
CA VAL A 899 5.02 -15.96 -23.18
C VAL A 899 4.11 -16.61 -24.24
N ASN A 900 4.68 -16.92 -25.40
CA ASN A 900 3.88 -17.57 -26.45
C ASN A 900 3.31 -18.93 -26.01
N ASN A 901 3.93 -19.62 -25.08
CA ASN A 901 3.37 -20.90 -24.62
C ASN A 901 2.47 -20.80 -23.40
N CYS A 902 2.31 -19.61 -22.85
CA CYS A 902 1.52 -19.46 -21.63
C CYS A 902 0.03 -19.47 -21.90
N VAL A 903 -0.71 -20.09 -21.00
CA VAL A 903 -2.18 -20.05 -21.10
C VAL A 903 -2.65 -18.72 -20.48
N ARG A 904 -3.01 -17.77 -21.28
CA ARG A 904 -3.42 -16.46 -20.81
C ARG A 904 -4.90 -16.24 -20.94
N PRO A 905 -5.43 -15.26 -20.20
CA PRO A 905 -6.86 -14.97 -20.34
C PRO A 905 -7.17 -14.54 -21.78
N SER A 906 -8.44 -14.64 -22.17
CA SER A 906 -8.83 -14.20 -23.49
C SER A 906 -8.71 -12.68 -23.59
N LYS A 907 -8.85 -12.17 -24.80
CA LYS A 907 -8.73 -10.73 -25.07
C LYS A 907 -9.79 -9.92 -24.34
N LEU A 908 -10.90 -10.49 -23.94
CA LEU A 908 -11.93 -9.72 -23.24
C LEU A 908 -11.81 -9.77 -21.72
N HIS A 909 -10.91 -10.60 -21.19
CA HIS A 909 -10.81 -10.70 -19.71
C HIS A 909 -10.13 -9.41 -19.16
N PRO A 910 -10.63 -8.88 -18.05
CA PRO A 910 -10.02 -7.63 -17.52
C PRO A 910 -8.80 -7.84 -16.66
N ALA A 911 -8.38 -9.05 -16.38
CA ALA A 911 -7.19 -9.28 -15.50
C ALA A 911 -5.99 -9.80 -16.27
N GLY A 912 -4.83 -9.70 -15.64
CA GLY A 912 -3.64 -10.38 -16.10
C GLY A 912 -2.99 -11.09 -14.92
N TYR A 913 -2.02 -11.94 -15.18
CA TYR A 913 -1.38 -12.73 -14.14
C TYR A 913 0.11 -12.83 -14.39
N LEU A 914 0.87 -12.88 -13.31
CA LEU A 914 2.33 -13.03 -13.41
C LEU A 914 2.69 -14.45 -13.71
N THR A 915 3.93 -14.58 -14.22
CA THR A 915 4.58 -15.89 -14.32
C THR A 915 5.28 -16.20 -12.98
N SER A 916 5.70 -17.44 -12.81
CA SER A 916 6.45 -17.85 -11.65
C SER A 916 7.68 -16.98 -11.41
N ALA A 917 8.45 -16.72 -12.45
CA ALA A 917 9.66 -15.93 -12.26
C ALA A 917 9.35 -14.52 -11.81
N ALA A 918 8.33 -13.89 -12.38
CA ALA A 918 7.99 -12.52 -11.98
C ALA A 918 7.44 -12.47 -10.55
N HIS A 919 6.66 -13.44 -10.15
CA HIS A 919 6.15 -13.46 -8.81
C HIS A 919 7.30 -13.65 -7.80
N LYS A 920 8.22 -14.59 -8.07
CA LYS A 920 9.37 -14.77 -7.16
C LYS A 920 10.20 -13.51 -7.14
N ALA A 921 10.35 -12.83 -8.26
CA ALA A 921 11.13 -11.59 -8.26
C ALA A 921 10.41 -10.54 -7.37
N SER A 922 9.08 -10.43 -7.45
CA SER A 922 8.39 -9.50 -6.55
C SER A 922 8.64 -9.89 -5.09
N GLN A 923 8.55 -11.16 -4.74
CA GLN A 923 8.80 -11.58 -3.36
C GLN A 923 10.24 -11.25 -2.94
N SER A 924 11.23 -11.29 -3.88
CA SER A 924 12.59 -10.99 -3.52
C SER A 924 12.75 -9.52 -3.11
N LEU A 925 11.88 -8.66 -3.64
CA LEU A 925 11.89 -7.24 -3.29
C LEU A 925 11.11 -6.97 -2.00
N LEU A 926 9.95 -7.53 -1.84
CA LEU A 926 9.07 -7.21 -0.72
C LEU A 926 9.39 -7.98 0.53
N ASP A 927 9.76 -9.23 0.41
CA ASP A 927 10.05 -10.07 1.57
C ASP A 927 11.36 -10.81 1.40
N PRO A 928 12.47 -10.06 1.40
CA PRO A 928 13.80 -10.69 1.26
C PRO A 928 14.13 -11.47 2.52
N LEU A 929 15.23 -12.24 2.49
CA LEU A 929 15.75 -12.81 3.70
C LEU A 929 16.14 -11.70 4.67
N ASP A 930 15.93 -11.90 5.96
CA ASP A 930 16.41 -10.97 7.01
C ASP A 930 17.80 -11.48 7.43
N LYS A 931 18.67 -10.57 7.81
CA LYS A 931 20.05 -10.90 8.19
C LYS A 931 20.35 -10.38 9.55
N PHE A 932 20.94 -11.23 10.39
CA PHE A 932 21.26 -10.91 11.77
C PHE A 932 22.74 -11.17 12.01
N ILE A 933 23.42 -10.25 12.67
CA ILE A 933 24.85 -10.39 13.01
C ILE A 933 24.93 -10.55 14.52
N PHE A 934 25.52 -11.65 15.02
CA PHE A 934 25.61 -11.86 16.45
C PHE A 934 26.50 -10.74 17.06
N ALA A 935 26.02 -10.09 18.13
CA ALA A 935 26.71 -8.92 18.65
C ALA A 935 27.96 -9.23 19.50
N GLU A 936 27.90 -10.24 20.35
CA GLU A 936 28.99 -10.56 21.26
C GLU A 936 30.06 -11.40 20.55
N ASN A 937 31.12 -11.68 21.30
CA ASN A 937 32.20 -12.45 20.70
C ASN A 937 31.92 -13.92 20.52
N GLU A 938 31.19 -14.52 21.48
CA GLU A 938 30.90 -15.95 21.43
C GLU A 938 29.44 -16.22 21.72
N TRP A 939 28.83 -17.06 20.90
CA TRP A 939 27.42 -17.44 21.09
C TRP A 939 27.41 -18.86 21.68
N ILE A 940 27.29 -18.96 23.00
CA ILE A 940 27.28 -20.28 23.64
C ILE A 940 25.91 -20.99 23.39
N GLY A 941 25.97 -22.24 22.94
CA GLY A 941 24.71 -22.96 22.73
C GLY A 941 24.09 -22.72 21.35
N ALA A 942 24.82 -22.13 20.39
CA ALA A 942 24.29 -21.81 19.07
C ALA A 942 23.89 -23.04 18.31
N GLN A 943 22.79 -22.97 17.57
CA GLN A 943 22.28 -24.05 16.75
C GLN A 943 22.30 -23.62 15.29
N GLY A 944 22.33 -24.55 14.37
CA GLY A 944 22.53 -24.21 13.00
C GLY A 944 21.33 -23.95 12.14
N GLN A 945 20.16 -24.34 12.62
CA GLN A 945 18.96 -24.19 11.79
C GLN A 945 17.71 -24.28 12.62
N PHE A 946 16.65 -23.62 12.12
CA PHE A 946 15.29 -23.75 12.72
C PHE A 946 14.34 -23.86 11.57
N GLY A 947 13.37 -24.78 11.68
CA GLY A 947 12.35 -24.87 10.67
C GLY A 947 12.61 -25.87 9.58
N GLY A 948 13.67 -26.71 9.71
CA GLY A 948 13.96 -27.69 8.68
C GLY A 948 12.81 -28.68 8.45
N ASP A 949 11.94 -28.86 9.43
CA ASP A 949 10.80 -29.75 9.28
C ASP A 949 9.50 -29.03 8.89
N HIS A 950 9.60 -27.72 8.60
CA HIS A 950 8.39 -26.98 8.16
C HIS A 950 8.06 -27.39 6.71
N PRO A 951 6.76 -27.52 6.35
CA PRO A 951 6.39 -27.89 4.98
C PRO A 951 6.82 -26.82 3.99
N SER A 952 7.30 -27.23 2.84
CA SER A 952 7.70 -26.29 1.83
C SER A 952 6.52 -26.28 0.84
N ALA A 953 5.72 -25.23 0.90
CA ALA A 953 4.44 -25.13 0.21
C ALA A 953 4.60 -24.73 -1.23
N ARG A 954 3.60 -25.04 -2.05
CA ARG A 954 3.62 -24.69 -3.43
C ARG A 954 3.92 -23.18 -3.56
N GLU A 955 4.58 -22.83 -4.66
CA GLU A 955 5.13 -21.46 -4.82
C GLU A 955 4.10 -20.36 -4.85
N ASP A 956 2.87 -20.66 -5.25
CA ASP A 956 1.85 -19.63 -5.29
C ASP A 956 1.18 -19.35 -3.93
N LEU A 957 1.52 -20.12 -2.91
CA LEU A 957 0.91 -19.95 -1.59
C LEU A 957 1.82 -19.16 -0.67
N ASP A 958 1.23 -18.24 0.10
CA ASP A 958 2.01 -17.51 1.11
C ASP A 958 1.28 -17.50 2.44
N VAL A 959 2.06 -17.51 3.53
CA VAL A 959 1.54 -17.26 4.88
C VAL A 959 1.79 -15.76 5.07
N SER A 960 0.81 -14.97 4.65
CA SER A 960 0.91 -13.51 4.67
C SER A 960 1.08 -12.99 6.09
N VAL A 961 0.38 -13.63 7.03
CA VAL A 961 0.45 -13.25 8.44
C VAL A 961 0.51 -14.51 9.29
N MET A 962 1.40 -14.46 10.30
CA MET A 962 1.40 -15.44 11.41
C MET A 962 1.46 -14.56 12.66
N ARG A 963 0.48 -14.70 13.55
CA ARG A 963 0.37 -13.83 14.72
C ARG A 963 -0.18 -14.58 15.92
N ARG A 964 0.59 -14.66 17.00
CA ARG A 964 0.01 -15.27 18.21
C ARG A 964 -1.01 -14.24 18.74
N LEU A 965 -2.19 -14.76 19.09
CA LEU A 965 -3.33 -13.93 19.47
C LEU A 965 -3.54 -13.86 20.99
N THR A 966 -2.81 -14.68 21.76
CA THR A 966 -2.96 -14.76 23.23
C THR A 966 -1.68 -14.44 23.92
N LYS A 967 -1.82 -13.83 25.09
CA LYS A 967 -0.68 -13.57 25.99
C LYS A 967 -0.40 -14.87 26.77
N SER A 968 0.74 -14.86 27.47
CA SER A 968 1.20 -16.12 28.11
C SER A 968 0.30 -16.64 29.21
N SER A 969 -0.53 -15.78 29.79
CA SER A 969 -1.45 -16.18 30.87
C SER A 969 -2.62 -17.04 30.40
N ALA A 970 -2.90 -17.10 29.10
CA ALA A 970 -4.01 -17.87 28.59
C ALA A 970 -3.77 -19.37 28.57
N LYS A 971 -4.62 -20.13 29.26
CA LYS A 971 -4.48 -21.59 29.30
C LYS A 971 -4.51 -22.19 27.89
N THR A 972 -5.40 -21.66 27.03
CA THR A 972 -5.48 -22.13 25.65
C THR A 972 -4.82 -21.06 24.76
N GLN A 973 -3.67 -21.39 24.18
CA GLN A 973 -2.99 -20.42 23.28
C GLN A 973 -3.68 -20.48 21.92
N ARG A 974 -3.67 -19.32 21.23
CA ARG A 974 -4.26 -19.22 19.90
C ARG A 974 -3.28 -18.53 18.96
N VAL A 975 -3.14 -19.07 17.76
CA VAL A 975 -2.23 -18.49 16.76
C VAL A 975 -3.06 -18.34 15.49
N GLY A 976 -3.00 -17.12 14.93
CA GLY A 976 -3.72 -16.79 13.71
C GLY A 976 -2.82 -16.77 12.50
N TYR A 977 -3.35 -17.23 11.40
CA TYR A 977 -2.64 -17.26 10.11
C TYR A 977 -3.55 -16.68 9.02
N VAL A 978 -2.96 -15.85 8.15
CA VAL A 978 -3.65 -15.42 6.93
C VAL A 978 -2.91 -16.11 5.77
N LEU A 979 -3.62 -16.92 5.00
CA LEU A 979 -3.06 -17.63 3.88
C LEU A 979 -3.60 -17.04 2.60
N HIS A 980 -2.70 -16.69 1.69
CA HIS A 980 -3.08 -16.13 0.40
C HIS A 980 -2.50 -16.96 -0.75
N ARG A 981 -3.33 -17.34 -1.71
CA ARG A 981 -2.79 -18.01 -2.91
C ARG A 981 -2.97 -17.08 -4.08
N THR A 982 -1.88 -16.77 -4.76
CA THR A 982 -2.00 -15.95 -5.97
C THR A 982 -2.33 -16.90 -7.15
N ASN A 983 -2.32 -16.39 -8.36
CA ASN A 983 -2.54 -17.24 -9.55
C ASN A 983 -1.41 -16.92 -10.53
N LEU A 984 -0.65 -17.97 -10.84
CA LEU A 984 0.49 -17.86 -11.76
C LEU A 984 0.19 -18.52 -13.11
N MET A 985 0.65 -17.95 -14.19
CA MET A 985 0.36 -18.57 -15.49
C MET A 985 0.96 -19.92 -15.70
N GLN A 986 0.20 -20.76 -16.39
CA GLN A 986 0.69 -22.10 -16.77
C GLN A 986 1.46 -21.87 -18.09
N CYS A 987 2.77 -22.11 -18.09
CA CYS A 987 3.59 -21.90 -19.30
C CYS A 987 4.39 -23.13 -19.72
N GLY A 988 4.03 -24.30 -19.21
CA GLY A 988 4.72 -25.53 -19.63
C GLY A 988 5.83 -26.05 -18.76
N THR A 989 6.03 -25.45 -17.60
CA THR A 989 7.05 -25.95 -16.69
C THR A 989 6.38 -26.97 -15.79
N PRO A 990 6.83 -28.24 -15.87
CA PRO A 990 6.25 -29.30 -15.03
C PRO A 990 6.19 -28.81 -13.58
N GLU A 991 5.13 -29.19 -12.87
CA GLU A 991 4.94 -28.75 -11.48
C GLU A 991 5.93 -29.24 -10.43
N GLU A 992 5.87 -30.54 -10.16
CA GLU A 992 6.70 -31.25 -9.17
C GLU A 992 6.41 -30.96 -7.69
N HIS A 993 7.04 -31.78 -6.86
CA HIS A 993 7.03 -31.74 -5.39
C HIS A 993 5.92 -31.08 -4.58
N THR A 994 6.47 -30.32 -3.64
CA THR A 994 5.82 -29.54 -2.63
C THR A 994 4.88 -30.30 -1.72
N GLN A 995 4.94 -29.93 -0.47
CA GLN A 995 4.13 -30.55 0.55
C GLN A 995 2.96 -29.69 0.87
N LYS A 996 1.89 -30.34 1.29
CA LYS A 996 0.70 -29.63 1.71
C LYS A 996 1.05 -28.84 2.99
N LEU A 997 0.56 -27.60 3.04
CA LEU A 997 0.80 -26.79 4.20
C LEU A 997 -0.51 -26.70 5.00
N ASP A 998 -0.46 -27.21 6.21
CA ASP A 998 -1.58 -27.18 7.16
C ASP A 998 -1.07 -26.29 8.30
N VAL A 999 -1.47 -25.01 8.26
CA VAL A 999 -0.97 -24.10 9.29
C VAL A 999 -1.40 -24.49 10.69
N CYS A 1000 -2.52 -25.22 10.80
CA CYS A 1000 -2.96 -25.57 12.14
C CYS A 1000 -2.06 -26.55 12.89
N HIS A 1001 -1.18 -27.26 12.15
CA HIS A 1001 -0.28 -28.18 12.79
C HIS A 1001 1.17 -27.63 12.83
N LEU A 1002 1.39 -26.34 12.52
CA LEU A 1002 2.75 -25.80 12.60
C LEU A 1002 3.24 -25.74 14.05
N LEU A 1003 2.33 -25.54 14.99
CA LEU A 1003 2.68 -25.56 16.41
C LEU A 1003 2.13 -26.85 17.00
N PRO A 1004 2.82 -27.42 17.99
CA PRO A 1004 2.36 -28.68 18.57
C PRO A 1004 1.16 -28.57 19.49
N ASN A 1005 0.62 -29.75 19.81
CA ASN A 1005 -0.51 -29.83 20.72
C ASN A 1005 -1.75 -29.10 20.30
N VAL A 1006 -2.08 -29.18 19.02
CA VAL A 1006 -3.27 -28.52 18.54
C VAL A 1006 -4.52 -29.21 19.09
N ALA A 1007 -5.45 -28.41 19.58
CA ALA A 1007 -6.71 -28.87 20.15
C ALA A 1007 -7.90 -28.46 19.30
N ARG A 1008 -7.76 -27.44 18.45
CA ARG A 1008 -8.87 -26.99 17.61
C ARG A 1008 -8.28 -26.16 16.48
N CYS A 1009 -8.94 -26.20 15.33
CA CYS A 1009 -8.53 -25.37 14.18
C CYS A 1009 -9.82 -24.77 13.66
N GLU A 1010 -9.86 -23.44 13.47
CA GLU A 1010 -11.06 -22.77 13.02
C GLU A 1010 -10.75 -21.85 11.85
N ARG A 1011 -11.62 -21.79 10.88
CA ARG A 1011 -11.50 -20.76 9.84
C ARG A 1011 -12.20 -19.52 10.41
N THR A 1012 -11.62 -18.33 10.24
CA THR A 1012 -12.17 -17.09 10.78
C THR A 1012 -12.22 -16.03 9.68
N THR A 1013 -12.88 -14.92 10.01
CA THR A 1013 -12.76 -13.72 9.17
C THR A 1013 -11.24 -13.32 9.16
N LEU A 1014 -10.87 -12.45 8.20
CA LEU A 1014 -9.43 -12.09 8.05
C LEU A 1014 -8.83 -11.32 9.20
N THR A 1015 -9.71 -10.70 9.99
CA THR A 1015 -9.33 -9.96 11.18
C THR A 1015 -9.20 -10.88 12.42
N PHE A 1016 -9.52 -12.17 12.26
CA PHE A 1016 -9.53 -13.17 13.34
C PHE A 1016 -10.66 -12.98 14.33
N LEU A 1017 -11.61 -12.09 14.08
CA LEU A 1017 -12.60 -11.74 15.09
C LEU A 1017 -13.84 -12.56 15.11
N GLN A 1018 -14.11 -13.38 14.10
CA GLN A 1018 -15.32 -14.21 14.11
C GLN A 1018 -14.95 -15.59 13.59
N ASN A 1019 -15.38 -16.66 14.29
CA ASN A 1019 -15.15 -18.02 13.86
C ASN A 1019 -16.20 -18.37 12.84
N LEU A 1020 -15.82 -18.90 11.69
CA LEU A 1020 -16.72 -19.23 10.62
C LEU A 1020 -16.90 -20.72 10.44
N GLU A 1021 -15.90 -21.51 10.78
CA GLU A 1021 -16.01 -22.98 10.58
C GLU A 1021 -15.09 -23.72 11.54
N HIS A 1022 -15.58 -24.80 12.15
CA HIS A 1022 -14.79 -25.61 13.05
C HIS A 1022 -14.26 -26.69 12.09
N LEU A 1023 -12.95 -26.86 11.99
CA LEU A 1023 -12.40 -27.75 10.99
C LEU A 1023 -12.10 -29.18 11.41
N ASP A 1024 -12.58 -30.11 10.57
CA ASP A 1024 -12.39 -31.53 10.80
C ASP A 1024 -10.93 -31.88 10.91
N GLY A 1025 -10.61 -32.70 11.89
CA GLY A 1025 -9.26 -33.19 12.10
C GLY A 1025 -8.26 -32.13 12.43
N MET A 1026 -8.75 -30.92 12.74
CA MET A 1026 -7.88 -29.79 13.06
C MET A 1026 -6.96 -29.46 11.90
N VAL A 1027 -7.45 -29.65 10.68
CA VAL A 1027 -6.64 -29.37 9.51
C VAL A 1027 -7.17 -28.15 8.80
N ALA A 1028 -6.26 -27.24 8.48
CA ALA A 1028 -6.61 -25.99 7.78
C ALA A 1028 -6.35 -26.25 6.34
N PRO A 1029 -7.39 -26.29 5.52
CA PRO A 1029 -7.19 -26.53 4.09
C PRO A 1029 -6.47 -25.38 3.36
N GLU A 1030 -5.73 -25.69 2.30
CA GLU A 1030 -5.13 -24.60 1.53
C GLU A 1030 -6.30 -23.94 0.77
N VAL A 1031 -6.03 -22.75 0.27
CA VAL A 1031 -7.00 -21.95 -0.42
C VAL A 1031 -6.85 -22.04 -1.94
N CYS A 1032 -7.88 -21.60 -2.64
CA CYS A 1032 -7.91 -21.54 -4.10
C CYS A 1032 -7.14 -20.36 -4.66
N PRO A 1033 -6.78 -20.41 -5.97
CA PRO A 1033 -6.06 -19.26 -6.59
C PRO A 1033 -6.91 -17.99 -6.44
N MET A 1034 -6.19 -16.92 -6.08
CA MET A 1034 -6.74 -15.57 -5.83
C MET A 1034 -7.57 -15.48 -4.56
N GLU A 1035 -7.61 -16.51 -3.75
CA GLU A 1035 -8.37 -16.47 -2.49
C GLU A 1035 -7.40 -16.24 -1.33
N THR A 1036 -7.99 -15.74 -0.23
CA THR A 1036 -7.29 -15.44 1.02
C THR A 1036 -8.19 -15.96 2.11
N ALA A 1037 -7.66 -16.75 3.05
CA ALA A 1037 -8.43 -17.25 4.19
C ALA A 1037 -7.64 -17.04 5.44
N ALA A 1038 -8.30 -17.09 6.56
CA ALA A 1038 -7.65 -16.99 7.86
C ALA A 1038 -8.04 -18.18 8.70
N TYR A 1039 -7.07 -18.62 9.50
CA TYR A 1039 -7.28 -19.78 10.37
C TYR A 1039 -6.69 -19.47 11.72
N VAL A 1040 -7.30 -19.98 12.78
CA VAL A 1040 -6.75 -19.86 14.12
C VAL A 1040 -6.60 -21.26 14.70
N SER A 1041 -5.41 -21.61 15.16
CA SER A 1041 -5.17 -22.90 15.83
C SER A 1041 -5.12 -22.61 17.33
N SER A 1042 -5.71 -23.53 18.09
CA SER A 1042 -5.77 -23.44 19.56
C SER A 1042 -4.92 -24.59 20.10
N HIS A 1043 -4.13 -24.32 21.14
CA HIS A 1043 -3.16 -25.27 21.66
C HIS A 1043 -3.29 -25.37 23.15
N SER A 1044 -3.34 -26.64 23.57
CA SER A 1044 -3.53 -26.98 24.95
C SER A 1044 -2.24 -26.92 25.72
C1 NAG B . -21.41 -8.06 23.73
C2 NAG B . -22.13 -8.16 25.09
C3 NAG B . -23.15 -9.28 25.06
C4 NAG B . -24.18 -9.01 23.99
C5 NAG B . -23.52 -8.74 22.61
C6 NAG B . -23.93 -7.44 21.98
C7 NAG B . -20.16 -7.63 26.41
C8 NAG B . -18.75 -8.08 26.03
N2 NAG B . -21.17 -8.46 26.13
O3 NAG B . -23.80 -9.38 26.32
O4 NAG B . -25.08 -10.13 23.89
O5 NAG B . -22.05 -8.78 22.66
O6 NAG B . -25.12 -7.61 21.22
O7 NAG B . -20.34 -6.54 26.95
ZN ZN C . -9.12 13.03 4.56
C1 BLT D . -7.35 15.50 1.87
O1 BLT D . -5.92 15.43 1.57
C2 BLT D . -7.55 15.54 3.41
O2 BLT D . -7.50 14.26 3.94
C3 BLT D . -8.98 16.17 3.58
SE4 BLT D . -9.78 16.61 1.88
C5 BLT D . -7.95 16.72 1.17
C6 BLT D . -7.88 16.60 -0.40
O6 BLT D . -8.46 17.84 -0.92
C7 BLT D . -10.20 18.41 1.91
C8 BLT D . -11.62 18.81 2.17
O8 BLT D . -12.50 17.96 1.35
C9 BLT D . -12.02 20.24 1.88
C10 BLT D . -13.49 20.49 2.29
O10 BLT D . -13.57 20.42 3.72
O9 BLT D . -11.06 21.07 2.58
S9 BLT D . -10.09 22.09 1.95
O11 BLT D . -9.30 21.47 0.91
O12 BLT D . -9.27 22.67 3.00
O13 BLT D . -11.05 23.06 1.41
C1 MRD E . -17.26 23.01 -11.08
C2 MRD E . -17.12 22.43 -9.74
O2 MRD E . -17.30 20.99 -9.90
CM MRD E . -15.72 22.71 -9.18
C3 MRD E . -18.23 23.07 -8.91
C4 MRD E . -18.42 22.63 -7.46
O4 MRD E . -19.80 22.79 -7.14
C5 MRD E . -17.57 23.49 -6.48
C1 MRD F . -8.08 23.56 11.99
C2 MRD F . -9.27 22.62 11.83
O2 MRD F . -8.80 21.26 12.01
CM MRD F . -10.34 22.92 12.87
C3 MRD F . -9.78 22.74 10.38
C4 MRD F . -11.24 22.45 10.08
O4 MRD F . -11.34 21.74 8.86
C5 MRD F . -12.01 23.76 9.87
#